data_8J18
#
_entry.id   8J18
#
loop_
_entity.id
_entity.type
_entity.pdbx_description
1 polymer 'Guanine nucleotide-binding protein G(i) subunit alpha-1'
2 polymer 'Guanine nucleotide-binding protein G(I)/G(S)/G(T) subunit beta-1'
3 polymer 'Guanine nucleotide-binding protein G(I)/G(S)/G(O) subunit gamma-2'
4 polymer 'G-protein coupled receptor 84'
5 polymer 'Antibody fragment ScFv16'
6 non-polymer '(3R)-3-HYDROXYDODECANOIC ACID'
#
loop_
_entity_poly.entity_id
_entity_poly.type
_entity_poly.pdbx_seq_one_letter_code
_entity_poly.pdbx_strand_id
1 'polypeptide(L)'
;MGCTLSAEDKAAVERSKMIDRNLREDGEKAAREVKLLLLGAGESGKNTIVKQMKIIHEAGYSEEECKQYKAVVYSNTIQS
IIAIIRAMGRLKIDFGDSARADDARQLFVLAGAAEEGFMTAELAGVIKRLWKDSGVQACFNRSREYQLNDSAAYYLNDLD
RIAQPNYIPTQQDVLRTRVKTTGIVETHFTFKDLHFKMFDVGAQRSERKKWIHCFEGVTAIIFCVALSDYDLVLAEDEEM
NRMHASMKLFDSICNNKWFTDTSIILFLNKKDLFEEKIKKSPLTICYPEYAGSNTYEEAAAYIQCQFEDLNKRKDTKEIY
THFTCSTDTKNVQFVFDAVTDVIIKNNLKDCGLF
;
A
2 'polypeptide(L)'
;MGSLLQSELDQLRQEAEQLKNQIRDARKACADATLSQITNNIDPVGRIQMRTRRTLRGHLAKIYAMHWGTDSRLLVSASQ
DGKLIIWDSYTTNKVHAIPLRSSWVMTCAYAPSGNYVACGGLDNICSIYNLKTREGNVRVSRELAGHTGYLSCCRFLDDN
QIVTSSGDTTCALWDIETGQQTTTFTGHTGDVMSLSLAPDTRLFVSGACDASAKLWDVREGMCRQTFTGHESDINAICFF
PNGNAFATGSDDATCRLFDLRADQELMTYSHDNIICGITSVSFSKSGRLLLAGYDDFNCNVWDALKADRAGVLAGHDNRV
SCLGVTDDGMAVATGSWDSFLKIWNGSS
;
B
3 'polypeptide(L)' MASNNTASIAQARKLVEQLKMEANIDRIKVSKAAADLMAYCEAHAKEDPLLTPVPASENPFREKKFFCAIL G
4 'polypeptide(L)'
;HHHHHHHHHHMWNSSDANFSCYHESVLGYRYVAVSWGVVVAVTGTVGNVLTLLALAIQPKLRTRFNLLIANLTLADLLYC
TLLQPFSVDTYLHLHWRTGATFCRVFGLLLFASNSVSILTLCLIALGRYLLIAHPKLFPQVFSAKGIVLALVSTWVVGVA
SFAPLWPIYILVPVVCTCSFDRIRGRPYTTILMGIYFVLGLSSVGIFYCLIHRQVKRAAQALDQYKLRQASIHSNHVART
DEAMPGRFQELDSRLASGGPSEGISSEPVSAATTQTLEGDSSEVGDQINSKRAKQMAEKSPPEASAKAQPIKGARRAPDS
SSEFGKVTRMCFAVFLCFALSYIPFLLLNILDARVQAPRVVHMLAANLTWLNGCINPVLYAAMNRQFRQAYGSILKRGPR
SFHRLH
;
R
5 'polypeptide(L)'
;DVQLVESGGGLVQPGGSRKLSCSASGFAFSSFGMHWVRQAPEKGLEWVAYISSGSGTIYYADTVKGRFTISRDDPKNTLF
LQMTSLRSEDTAMYYCVRSIYYYGSSPFDFWGQGTTLTVSSGGGGSGGGGSGGGGSDIVMTQATSSVPVTPGESVSISCR
SSKSLLHSNGNTYLYWFLQRPGQSPQLLIYRMSNLASGVPDRFSGSGSGTAFTLTISRLEAEDVGVYYCMQHLEYPLTFG
AGTKLELKGSLEVLFQGPAAAHHHHHHHH
;
S
#
loop_
_chem_comp.id
_chem_comp.type
_chem_comp.name
_chem_comp.formula
HXD non-polymer '(3R)-3-HYDROXYDODECANOIC ACID' 'C12 H24 O3'
#
# COMPACT_ATOMS: atom_id res chain seq x y z
N THR A 4 29.08 2.21 4.73
CA THR A 4 27.65 1.96 5.08
C THR A 4 26.78 1.96 3.82
N LEU A 5 26.99 2.95 2.96
CA LEU A 5 26.26 3.07 1.71
C LEU A 5 27.09 3.91 0.74
N SER A 6 26.81 3.72 -0.55
CA SER A 6 27.44 4.54 -1.56
C SER A 6 26.65 5.83 -1.77
N ALA A 7 27.25 6.77 -2.48
CA ALA A 7 26.54 8.01 -2.82
C ALA A 7 25.31 7.72 -3.67
N GLU A 8 25.45 6.84 -4.66
CA GLU A 8 24.33 6.49 -5.51
C GLU A 8 23.21 5.83 -4.72
N ASP A 9 23.57 4.97 -3.76
CA ASP A 9 22.56 4.34 -2.93
C ASP A 9 21.81 5.38 -2.09
N LYS A 10 22.54 6.37 -1.57
CA LYS A 10 21.88 7.42 -0.79
C LYS A 10 20.95 8.25 -1.66
N ALA A 11 21.36 8.56 -2.90
CA ALA A 11 20.46 9.26 -3.80
C ALA A 11 19.22 8.43 -4.12
N ALA A 12 19.40 7.12 -4.32
CA ALA A 12 18.26 6.24 -4.56
C ALA A 12 17.32 6.23 -3.37
N VAL A 13 17.86 6.20 -2.16
CA VAL A 13 17.02 6.22 -0.96
C VAL A 13 16.26 7.54 -0.88
N GLU A 14 16.91 8.65 -1.21
CA GLU A 14 16.23 9.94 -1.21
C GLU A 14 15.07 9.94 -2.21
N ARG A 15 15.31 9.40 -3.40
CA ARG A 15 14.23 9.33 -4.39
C ARG A 15 13.09 8.44 -3.91
N SER A 16 13.43 7.33 -3.26
CA SER A 16 12.40 6.44 -2.73
C SER A 16 11.56 7.16 -1.68
N LYS A 17 12.21 7.95 -0.82
CA LYS A 17 11.44 8.67 0.19
C LYS A 17 10.61 9.79 -0.42
N MET A 18 11.09 10.39 -1.51
CA MET A 18 10.25 11.32 -2.26
C MET A 18 8.99 10.62 -2.79
N ILE A 19 9.17 9.43 -3.35
CA ILE A 19 8.02 8.67 -3.86
C ILE A 19 7.07 8.35 -2.71
N ASP A 20 7.63 7.99 -1.55
CA ASP A 20 6.80 7.70 -0.39
C ASP A 20 5.99 8.92 0.04
N ARG A 21 6.62 10.10 0.04
CA ARG A 21 5.89 11.31 0.38
C ARG A 21 4.77 11.58 -0.61
N ASN A 22 5.03 11.40 -1.91
CA ASN A 22 3.98 11.60 -2.89
C ASN A 22 2.83 10.62 -2.69
N LEU A 23 3.15 9.35 -2.41
CA LEU A 23 2.12 8.36 -2.15
C LEU A 23 1.29 8.73 -0.94
N ARG A 24 1.95 9.18 0.14
CA ARG A 24 1.22 9.58 1.34
C ARG A 24 0.30 10.77 1.05
N GLU A 25 0.81 11.75 0.29
CA GLU A 25 0.00 12.90 -0.05
C GLU A 25 -1.22 12.53 -0.89
N ASP A 26 -1.07 11.62 -1.84
CA ASP A 26 -2.21 11.19 -2.64
C ASP A 26 -3.18 10.31 -1.85
N GLY A 27 -2.67 9.51 -0.91
CA GLY A 27 -3.55 8.73 -0.07
C GLY A 27 -4.38 9.60 0.85
N GLU A 28 -3.77 10.65 1.41
CA GLU A 28 -4.54 11.59 2.21
C GLU A 28 -5.65 12.26 1.43
N LYS A 29 -5.57 12.28 0.10
CA LYS A 29 -6.61 12.81 -0.77
C LYS A 29 -7.64 11.76 -1.15
N ALA A 30 -7.21 10.52 -1.39
CA ALA A 30 -8.15 9.47 -1.76
C ALA A 30 -9.17 9.21 -0.65
N ALA A 31 -8.72 9.20 0.60
CA ALA A 31 -9.63 8.93 1.71
C ALA A 31 -10.71 10.00 1.81
N ARG A 32 -10.34 11.26 1.56
CA ARG A 32 -11.31 12.34 1.67
C ARG A 32 -12.44 12.19 0.66
N GLU A 33 -12.14 11.70 -0.54
CA GLU A 33 -13.14 11.61 -1.59
C GLU A 33 -14.23 10.62 -1.22
N VAL A 34 -15.48 10.99 -1.52
CA VAL A 34 -16.58 10.04 -1.42
C VAL A 34 -16.58 9.14 -2.65
N LYS A 35 -16.89 7.88 -2.45
CA LYS A 35 -16.92 6.89 -3.53
C LYS A 35 -18.23 6.13 -3.45
N LEU A 36 -19.10 6.33 -4.44
CA LEU A 36 -20.44 5.75 -4.45
C LEU A 36 -20.54 4.74 -5.59
N LEU A 37 -20.93 3.52 -5.25
CA LEU A 37 -21.16 2.51 -6.27
C LEU A 37 -22.62 2.57 -6.72
N LEU A 38 -22.85 2.80 -8.02
CA LEU A 38 -24.19 2.97 -8.55
C LEU A 38 -24.68 1.66 -9.13
N LEU A 39 -25.93 1.28 -8.82
CA LEU A 39 -26.49 0.02 -9.27
C LEU A 39 -27.99 0.17 -9.50
N GLY A 40 -28.55 -0.80 -10.19
CA GLY A 40 -29.97 -0.82 -10.49
C GLY A 40 -30.25 -1.66 -11.70
N ALA A 41 -31.54 -1.81 -11.98
CA ALA A 41 -31.96 -2.55 -13.16
C ALA A 41 -31.53 -1.82 -14.42
N GLY A 42 -31.77 -2.46 -15.56
CA GLY A 42 -31.32 -1.90 -16.82
C GLY A 42 -31.85 -0.51 -17.09
N GLU A 43 -33.16 -0.31 -16.89
CA GLU A 43 -33.79 0.99 -17.13
C GLU A 43 -34.43 1.56 -15.88
N SER A 44 -33.82 1.37 -14.70
CA SER A 44 -34.43 1.86 -13.46
C SER A 44 -34.30 3.37 -13.33
N GLY A 45 -33.27 3.96 -13.92
CA GLY A 45 -33.07 5.39 -13.81
C GLY A 45 -31.63 5.80 -13.57
N LYS A 46 -30.71 4.84 -13.63
CA LYS A 46 -29.29 5.16 -13.45
C LYS A 46 -28.88 6.28 -14.41
N ASN A 47 -29.30 6.18 -15.67
CA ASN A 47 -29.01 7.25 -16.62
C ASN A 47 -29.64 8.56 -16.17
N THR A 48 -30.87 8.51 -15.67
CA THR A 48 -31.55 9.73 -15.24
C THR A 48 -30.75 10.42 -14.14
N ILE A 49 -30.42 9.69 -13.07
CA ILE A 49 -29.71 10.29 -11.95
C ILE A 49 -28.33 10.78 -12.38
N VAL A 50 -27.63 9.98 -13.19
CA VAL A 50 -26.32 10.40 -13.67
C VAL A 50 -26.44 11.70 -14.46
N LYS A 51 -27.56 11.91 -15.15
CA LYS A 51 -27.72 13.11 -15.94
C LYS A 51 -27.77 14.38 -15.11
N GLN A 52 -28.19 14.32 -13.85
CA GLN A 52 -28.08 15.49 -13.00
C GLN A 52 -26.73 15.53 -12.30
N MET A 53 -26.27 14.38 -11.80
CA MET A 53 -24.95 14.36 -11.19
C MET A 53 -23.83 14.48 -12.22
N LYS A 54 -24.15 14.43 -13.51
CA LYS A 54 -23.16 14.74 -14.53
C LYS A 54 -22.70 16.19 -14.44
N ILE A 55 -23.58 17.08 -14.00
CA ILE A 55 -23.23 18.50 -13.85
C ILE A 55 -22.18 18.66 -12.76
N THR A 182 -17.14 -0.09 -22.70
CA THR A 182 -18.11 -0.98 -22.07
C THR A 182 -17.62 -1.45 -20.71
N GLY A 183 -16.68 -0.70 -20.13
CA GLY A 183 -16.17 -1.00 -18.81
C GLY A 183 -16.85 -0.15 -17.74
N ILE A 184 -16.19 -0.08 -16.59
CA ILE A 184 -16.69 0.76 -15.51
C ILE A 184 -16.71 2.20 -15.98
N VAL A 185 -17.76 2.93 -15.61
CA VAL A 185 -17.94 4.32 -16.01
C VAL A 185 -17.83 5.17 -14.74
N GLU A 186 -16.76 5.93 -14.63
CA GLU A 186 -16.60 6.83 -13.49
C GLU A 186 -17.08 8.22 -13.85
N THR A 187 -17.79 8.85 -12.91
CA THR A 187 -18.18 10.24 -13.08
C THR A 187 -17.88 10.99 -11.79
N HIS A 188 -17.16 12.10 -11.90
CA HIS A 188 -16.73 12.88 -10.75
C HIS A 188 -17.50 14.19 -10.72
N PHE A 189 -17.93 14.58 -9.52
CA PHE A 189 -18.60 15.87 -9.36
C PHE A 189 -18.37 16.38 -7.95
N THR A 190 -18.18 17.68 -7.83
CA THR A 190 -17.99 18.34 -6.54
C THR A 190 -19.26 19.09 -6.19
N PHE A 191 -19.84 18.75 -5.03
CA PHE A 191 -21.03 19.42 -4.54
C PHE A 191 -20.77 19.86 -3.10
N LYS A 192 -21.03 21.12 -2.82
CA LYS A 192 -20.81 21.69 -1.49
C LYS A 192 -19.45 21.25 -0.94
N ASP A 193 -18.40 21.65 -1.64
CA ASP A 193 -17.00 21.39 -1.29
C ASP A 193 -16.75 19.93 -0.90
N LEU A 194 -17.56 19.00 -1.40
CA LEU A 194 -17.37 17.58 -1.19
C LEU A 194 -17.27 16.89 -2.55
N HIS A 195 -16.23 16.07 -2.73
CA HIS A 195 -15.92 15.48 -4.02
C HIS A 195 -16.47 14.05 -4.07
N PHE A 196 -17.30 13.76 -5.06
CA PHE A 196 -17.92 12.46 -5.24
C PHE A 196 -17.39 11.81 -6.51
N LYS A 197 -16.96 10.57 -6.40
CA LYS A 197 -16.71 9.70 -7.54
C LYS A 197 -17.78 8.61 -7.56
N MET A 198 -18.57 8.59 -8.62
CA MET A 198 -19.66 7.64 -8.75
C MET A 198 -19.31 6.64 -9.83
N PHE A 199 -19.33 5.36 -9.47
CA PHE A 199 -18.91 4.27 -10.35
C PHE A 199 -20.16 3.55 -10.84
N ASP A 200 -20.53 3.79 -12.10
CA ASP A 200 -21.58 3.05 -12.77
C ASP A 200 -20.96 1.83 -13.46
N VAL A 201 -21.18 0.67 -12.85
CA VAL A 201 -20.54 -0.55 -13.34
C VAL A 201 -21.53 -1.45 -14.07
N GLY A 202 -22.82 -1.10 -14.08
CA GLY A 202 -23.81 -1.92 -14.73
C GLY A 202 -23.56 -2.20 -16.20
N ALA A 203 -22.60 -1.50 -16.82
CA ALA A 203 -22.28 -1.76 -18.21
C ALA A 203 -21.51 -3.06 -18.39
N GLN A 204 -20.97 -3.63 -17.32
CA GLN A 204 -20.15 -4.83 -17.45
C GLN A 204 -21.01 -6.08 -17.46
N ARG A 205 -20.94 -6.83 -18.55
CA ARG A 205 -21.67 -8.09 -18.68
C ARG A 205 -20.77 -9.27 -18.33
N SER A 206 -20.45 -9.43 -17.05
CA SER A 206 -19.56 -10.50 -16.61
C SER A 206 -19.99 -10.96 -15.22
N GLU A 207 -19.32 -12.01 -14.75
CA GLU A 207 -19.63 -12.60 -13.45
C GLU A 207 -19.44 -11.57 -12.34
N ARG A 208 -20.54 -11.22 -11.66
CA ARG A 208 -20.48 -10.16 -10.65
C ARG A 208 -19.56 -10.54 -9.50
N LYS A 209 -19.69 -11.77 -9.00
CA LYS A 209 -18.97 -12.16 -7.79
C LYS A 209 -17.46 -12.16 -7.98
N LYS A 210 -16.98 -12.10 -9.23
CA LYS A 210 -15.55 -12.11 -9.49
C LYS A 210 -14.92 -10.72 -9.48
N TRP A 211 -15.72 -9.65 -9.45
CA TRP A 211 -15.20 -8.29 -9.36
C TRP A 211 -15.93 -7.40 -8.38
N ILE A 212 -16.96 -7.89 -7.69
CA ILE A 212 -17.70 -7.03 -6.78
C ILE A 212 -16.87 -6.68 -5.56
N HIS A 213 -15.98 -7.57 -5.13
CA HIS A 213 -15.18 -7.31 -3.95
C HIS A 213 -14.26 -6.11 -4.10
N CYS A 214 -14.02 -5.63 -5.32
CA CYS A 214 -13.19 -4.45 -5.50
C CYS A 214 -13.80 -3.23 -4.82
N PHE A 215 -15.12 -3.23 -4.62
CA PHE A 215 -15.83 -2.09 -4.07
C PHE A 215 -16.13 -2.24 -2.59
N GLU A 216 -15.26 -2.89 -1.83
CA GLU A 216 -15.49 -3.04 -0.40
C GLU A 216 -15.54 -1.69 0.31
N GLY A 217 -14.60 -0.81 -0.01
CA GLY A 217 -14.45 0.43 0.71
C GLY A 217 -15.30 1.59 0.24
N VAL A 218 -16.19 1.37 -0.73
CA VAL A 218 -17.03 2.45 -1.21
C VAL A 218 -17.83 3.03 -0.05
N THR A 219 -18.02 4.35 -0.08
CA THR A 219 -18.75 5.02 0.99
C THR A 219 -20.19 4.52 1.06
N ALA A 220 -20.84 4.36 -0.08
CA ALA A 220 -22.24 3.93 -0.10
C ALA A 220 -22.56 3.34 -1.47
N ILE A 221 -23.67 2.62 -1.52
CA ILE A 221 -24.19 2.05 -2.76
C ILE A 221 -25.50 2.74 -3.09
N ILE A 222 -25.50 3.51 -4.16
CA ILE A 222 -26.75 4.06 -4.70
C ILE A 222 -27.46 2.93 -5.45
N PHE A 223 -28.76 2.79 -5.20
CA PHE A 223 -29.54 1.72 -5.80
C PHE A 223 -30.81 2.32 -6.37
N CYS A 224 -30.91 2.33 -7.70
CA CYS A 224 -32.05 2.94 -8.39
C CYS A 224 -33.09 1.87 -8.71
N VAL A 225 -34.35 2.15 -8.38
CA VAL A 225 -35.46 1.25 -8.69
C VAL A 225 -36.65 2.08 -9.12
N ALA A 226 -37.40 1.58 -10.09
CA ALA A 226 -38.53 2.30 -10.68
C ALA A 226 -39.83 1.79 -10.06
N LEU A 227 -40.69 2.73 -9.65
CA LEU A 227 -41.98 2.38 -9.07
C LEU A 227 -43.05 2.11 -10.11
N SER A 228 -42.79 2.39 -11.38
CA SER A 228 -43.73 2.02 -12.44
C SER A 228 -43.53 0.59 -12.93
N ASP A 229 -42.89 -0.26 -12.13
CA ASP A 229 -42.51 -1.60 -12.56
C ASP A 229 -43.49 -2.67 -12.11
N TYR A 230 -44.63 -2.30 -11.52
CA TYR A 230 -45.58 -3.31 -11.06
C TYR A 230 -46.11 -4.16 -12.21
N ASP A 231 -46.46 -3.53 -13.32
CA ASP A 231 -47.11 -4.25 -14.42
C ASP A 231 -46.12 -4.82 -15.43
N LEU A 232 -44.83 -4.55 -15.26
CA LEU A 232 -43.82 -5.03 -16.22
C LEU A 232 -43.41 -6.46 -15.89
N VAL A 233 -44.40 -7.36 -15.93
CA VAL A 233 -44.11 -8.77 -15.75
C VAL A 233 -43.43 -9.31 -17.00
N LEU A 234 -42.85 -10.51 -16.88
CA LEU A 234 -42.21 -11.17 -18.00
C LEU A 234 -43.22 -11.45 -19.11
N ASN A 241 -43.42 -8.24 -12.47
CA ASN A 241 -42.57 -9.16 -11.73
C ASN A 241 -41.16 -8.60 -11.63
N ARG A 242 -40.79 -7.73 -12.56
CA ARG A 242 -39.47 -7.13 -12.54
C ARG A 242 -39.21 -6.38 -11.23
N MET A 243 -40.26 -5.90 -10.56
CA MET A 243 -40.09 -5.36 -9.22
C MET A 243 -39.49 -6.40 -8.29
N HIS A 244 -39.97 -7.64 -8.38
CA HIS A 244 -39.41 -8.70 -7.56
C HIS A 244 -37.96 -8.98 -7.93
N ALA A 245 -37.60 -8.84 -9.21
CA ALA A 245 -36.20 -8.94 -9.60
C ALA A 245 -35.38 -7.84 -8.94
N SER A 246 -35.93 -6.63 -8.87
CA SER A 246 -35.24 -5.55 -8.18
C SER A 246 -35.05 -5.86 -6.72
N MET A 247 -36.07 -6.40 -6.06
CA MET A 247 -35.91 -6.77 -4.65
C MET A 247 -34.88 -7.88 -4.49
N LYS A 248 -34.84 -8.82 -5.44
CA LYS A 248 -33.83 -9.87 -5.38
C LYS A 248 -32.42 -9.30 -5.48
N LEU A 249 -32.21 -8.36 -6.40
CA LEU A 249 -30.91 -7.72 -6.50
C LEU A 249 -30.58 -6.94 -5.24
N PHE A 250 -31.57 -6.24 -4.69
CA PHE A 250 -31.37 -5.48 -3.46
C PHE A 250 -30.98 -6.39 -2.31
N ASP A 251 -31.57 -7.59 -2.24
CA ASP A 251 -31.22 -8.55 -1.18
C ASP A 251 -29.74 -8.90 -1.27
N SER A 252 -29.28 -9.28 -2.47
CA SER A 252 -27.88 -9.64 -2.64
C SER A 252 -26.96 -8.48 -2.26
N ILE A 253 -27.30 -7.27 -2.72
CA ILE A 253 -26.44 -6.12 -2.43
C ILE A 253 -26.41 -5.84 -0.92
N CYS A 254 -27.55 -5.90 -0.25
CA CYS A 254 -27.57 -5.66 1.19
C CYS A 254 -26.74 -6.70 1.93
N ASN A 255 -26.85 -7.96 1.54
CA ASN A 255 -26.36 -9.06 2.37
C ASN A 255 -25.06 -9.68 1.88
N ASN A 256 -24.31 -9.03 1.00
CA ASN A 256 -23.02 -9.57 0.60
C ASN A 256 -22.03 -9.52 1.75
N LYS A 257 -21.08 -10.44 1.73
CA LYS A 257 -19.98 -10.40 2.70
C LYS A 257 -19.29 -9.05 2.66
N TRP A 258 -19.18 -8.46 1.47
CA TRP A 258 -18.36 -7.26 1.30
C TRP A 258 -19.07 -6.03 1.83
N PHE A 259 -20.39 -5.95 1.65
CA PHE A 259 -21.15 -4.75 1.94
C PHE A 259 -21.89 -4.83 3.27
N THR A 260 -21.34 -5.52 4.27
CA THR A 260 -21.97 -5.56 5.58
C THR A 260 -22.01 -4.17 6.21
N ASP A 261 -20.91 -3.42 6.11
CA ASP A 261 -20.82 -2.10 6.72
C ASP A 261 -21.13 -0.97 5.74
N THR A 262 -21.39 -1.28 4.47
CA THR A 262 -21.61 -0.26 3.47
C THR A 262 -23.09 0.14 3.44
N SER A 263 -23.36 1.42 3.61
CA SER A 263 -24.74 1.90 3.60
C SER A 263 -25.28 1.94 2.17
N ILE A 264 -26.59 2.02 2.07
CA ILE A 264 -27.28 1.99 0.78
C ILE A 264 -28.21 3.19 0.69
N ILE A 265 -28.15 3.87 -0.45
CA ILE A 265 -29.01 5.02 -0.73
C ILE A 265 -30.01 4.58 -1.79
N LEU A 266 -31.26 4.40 -1.39
CA LEU A 266 -32.28 3.79 -2.25
C LEU A 266 -33.04 4.89 -2.97
N PHE A 267 -32.81 5.03 -4.28
CA PHE A 267 -33.50 5.99 -5.12
C PHE A 267 -34.70 5.32 -5.77
N LEU A 268 -35.90 5.63 -5.29
CA LEU A 268 -37.13 5.12 -5.89
C LEU A 268 -37.63 6.20 -6.84
N ASN A 269 -37.43 5.97 -8.14
CA ASN A 269 -37.64 7.00 -9.14
C ASN A 269 -39.01 6.85 -9.80
N LYS A 270 -39.31 7.79 -10.71
CA LYS A 270 -40.53 7.75 -11.52
C LYS A 270 -41.78 7.66 -10.65
N LYS A 271 -41.85 8.50 -9.61
CA LYS A 271 -43.05 8.54 -8.78
C LYS A 271 -44.26 8.97 -9.60
N ASP A 272 -44.11 9.94 -10.50
CA ASP A 272 -45.24 10.43 -11.27
C ASP A 272 -45.85 9.30 -12.11
N LEU A 273 -45.02 8.49 -12.74
CA LEU A 273 -45.53 7.34 -13.48
C LEU A 273 -46.09 6.27 -12.57
N PHE A 274 -45.89 6.41 -11.26
CA PHE A 274 -46.49 5.54 -10.27
C PHE A 274 -47.70 6.17 -9.60
N GLU A 275 -47.67 7.49 -9.38
CA GLU A 275 -48.85 8.18 -8.89
C GLU A 275 -49.99 8.11 -9.91
N GLU A 276 -49.67 8.31 -11.18
CA GLU A 276 -50.69 8.21 -12.23
C GLU A 276 -51.19 6.78 -12.39
N LYS A 277 -50.36 5.79 -12.04
CA LYS A 277 -50.66 4.39 -12.31
C LYS A 277 -51.41 3.71 -11.18
N ILE A 278 -51.11 4.07 -9.93
CA ILE A 278 -51.73 3.41 -8.79
C ILE A 278 -53.24 3.59 -8.79
N LYS A 279 -53.74 4.68 -9.38
CA LYS A 279 -55.18 4.93 -9.37
C LYS A 279 -55.96 3.92 -10.19
N LYS A 280 -55.30 3.22 -11.13
CA LYS A 280 -55.97 2.23 -11.96
C LYS A 280 -55.32 0.85 -11.95
N SER A 281 -54.08 0.72 -11.50
CA SER A 281 -53.42 -0.58 -11.36
C SER A 281 -53.07 -0.80 -9.90
N PRO A 282 -53.75 -1.68 -9.18
CA PRO A 282 -53.48 -1.84 -7.75
C PRO A 282 -52.15 -2.54 -7.49
N LEU A 283 -51.67 -2.38 -6.26
CA LEU A 283 -50.44 -3.05 -5.85
C LEU A 283 -50.56 -4.56 -5.99
N THR A 284 -51.77 -5.11 -5.83
CA THR A 284 -51.96 -6.54 -5.87
C THR A 284 -51.53 -7.15 -7.19
N ILE A 285 -51.49 -6.36 -8.27
CA ILE A 285 -51.09 -6.90 -9.57
C ILE A 285 -49.70 -7.49 -9.52
N CYS A 286 -48.84 -7.01 -8.63
CA CYS A 286 -47.48 -7.52 -8.49
C CYS A 286 -47.24 -8.21 -7.15
N TYR A 287 -47.79 -7.67 -6.07
CA TYR A 287 -47.55 -8.27 -4.76
C TYR A 287 -48.74 -9.12 -4.34
N PRO A 288 -48.52 -10.27 -3.70
CA PRO A 288 -49.67 -11.04 -3.18
C PRO A 288 -50.50 -10.24 -2.19
N GLU A 289 -49.87 -9.44 -1.34
CA GLU A 289 -50.57 -8.59 -0.39
C GLU A 289 -50.07 -7.16 -0.55
N TYR A 290 -50.99 -6.22 -0.45
CA TYR A 290 -50.71 -4.80 -0.62
C TYR A 290 -50.97 -4.06 0.69
N ALA A 291 -50.86 -2.74 0.63
CA ALA A 291 -51.10 -1.91 1.81
C ALA A 291 -52.57 -1.93 2.19
N GLY A 292 -52.90 -1.19 3.24
CA GLY A 292 -54.28 -1.08 3.66
C GLY A 292 -55.22 -0.58 2.58
N SER A 293 -54.69 0.20 1.64
CA SER A 293 -55.47 0.69 0.51
C SER A 293 -54.52 0.99 -0.63
N ASN A 294 -55.08 1.06 -1.85
CA ASN A 294 -54.29 1.43 -3.01
C ASN A 294 -54.13 2.94 -3.06
N THR A 295 -53.58 3.52 -1.98
CA THR A 295 -53.39 4.96 -1.88
C THR A 295 -51.93 5.30 -2.16
N TYR A 296 -51.74 6.40 -2.89
CA TYR A 296 -50.41 6.82 -3.34
C TYR A 296 -49.37 6.74 -2.22
N GLU A 297 -49.58 7.55 -1.17
CA GLU A 297 -48.60 7.61 -0.09
C GLU A 297 -48.50 6.30 0.67
N GLU A 298 -49.64 5.65 0.94
CA GLU A 298 -49.59 4.37 1.64
C GLU A 298 -48.85 3.32 0.82
N ALA A 299 -49.10 3.29 -0.49
CA ALA A 299 -48.40 2.34 -1.35
C ALA A 299 -46.90 2.62 -1.36
N ALA A 300 -46.51 3.89 -1.45
CA ALA A 300 -45.09 4.22 -1.43
C ALA A 300 -44.44 3.80 -0.12
N ALA A 301 -45.12 4.07 1.01
CA ALA A 301 -44.57 3.67 2.30
C ALA A 301 -44.47 2.15 2.40
N TYR A 302 -45.45 1.44 1.85
CA TYR A 302 -45.42 -0.02 1.89
C TYR A 302 -44.24 -0.56 1.08
N ILE A 303 -44.01 0.02 -0.10
CA ILE A 303 -42.86 -0.38 -0.91
C ILE A 303 -41.56 -0.11 -0.16
N GLN A 304 -41.45 1.06 0.46
CA GLN A 304 -40.25 1.38 1.23
C GLN A 304 -40.06 0.40 2.37
N CYS A 305 -41.14 0.05 3.06
CA CYS A 305 -41.04 -0.87 4.18
C CYS A 305 -40.54 -2.23 3.70
N GLN A 306 -41.08 -2.73 2.60
CA GLN A 306 -40.62 -4.03 2.09
C GLN A 306 -39.16 -3.97 1.68
N PHE A 307 -38.77 -2.91 0.97
CA PHE A 307 -37.38 -2.82 0.52
C PHE A 307 -36.42 -2.75 1.70
N GLU A 308 -36.80 -2.01 2.74
CA GLU A 308 -35.94 -1.91 3.91
C GLU A 308 -35.92 -3.20 4.71
N ASP A 309 -37.02 -3.96 4.71
CA ASP A 309 -37.09 -5.21 5.45
C ASP A 309 -36.16 -6.27 4.90
N LEU A 310 -35.66 -6.11 3.68
CA LEU A 310 -34.68 -7.04 3.14
C LEU A 310 -33.31 -6.90 3.81
N ASN A 311 -33.13 -5.88 4.62
CA ASN A 311 -31.87 -5.65 5.33
C ASN A 311 -31.74 -6.67 6.45
N LYS A 312 -30.85 -7.64 6.27
CA LYS A 312 -30.59 -8.64 7.31
C LYS A 312 -29.62 -8.16 8.37
N ARG A 313 -28.99 -7.01 8.18
CA ARG A 313 -27.91 -6.52 9.05
C ARG A 313 -28.25 -5.12 9.56
N LYS A 314 -29.47 -4.95 10.07
CA LYS A 314 -29.90 -3.63 10.52
C LYS A 314 -29.01 -3.08 11.63
N ASP A 315 -28.27 -3.93 12.33
CA ASP A 315 -27.40 -3.47 13.40
C ASP A 315 -26.09 -2.89 12.90
N THR A 316 -25.73 -3.12 11.64
CA THR A 316 -24.44 -2.70 11.10
C THR A 316 -24.53 -1.72 9.94
N LYS A 317 -25.63 -1.68 9.20
CA LYS A 317 -25.78 -0.76 8.08
C LYS A 317 -27.17 -0.13 8.12
N GLU A 318 -27.29 1.02 7.47
CA GLU A 318 -28.53 1.75 7.38
C GLU A 318 -28.86 2.04 5.92
N ILE A 319 -30.16 2.05 5.62
CA ILE A 319 -30.65 2.32 4.27
C ILE A 319 -31.33 3.68 4.27
N TYR A 320 -30.84 4.59 3.44
CA TYR A 320 -31.43 5.90 3.25
C TYR A 320 -32.26 5.87 1.98
N THR A 321 -33.50 6.34 2.07
CA THR A 321 -34.46 6.22 1.00
C THR A 321 -34.86 7.60 0.47
N HIS A 322 -35.06 7.67 -0.84
CA HIS A 322 -35.52 8.89 -1.49
C HIS A 322 -36.62 8.55 -2.47
N PHE A 323 -37.45 9.56 -2.77
CA PHE A 323 -38.67 9.38 -3.56
C PHE A 323 -38.71 10.42 -4.67
N THR A 324 -37.61 10.53 -5.42
CA THR A 324 -37.51 11.55 -6.45
C THR A 324 -38.62 11.37 -7.48
N CYS A 325 -39.56 12.33 -7.52
CA CYS A 325 -40.59 12.38 -8.54
C CYS A 325 -40.19 13.26 -9.72
N SER A 326 -39.01 13.01 -10.29
CA SER A 326 -38.43 13.89 -11.31
C SER A 326 -38.12 15.27 -10.74
N THR A 327 -38.16 15.39 -9.41
CA THR A 327 -37.74 16.61 -8.74
C THR A 327 -36.24 16.53 -8.52
N ASP A 328 -35.50 16.30 -9.61
CA ASP A 328 -34.11 15.85 -9.50
C ASP A 328 -33.18 16.90 -8.93
N THR A 329 -33.60 18.16 -8.84
CA THR A 329 -32.76 19.17 -8.21
C THR A 329 -32.38 18.74 -6.79
N LYS A 330 -33.29 18.09 -6.07
CA LYS A 330 -33.00 17.61 -4.73
C LYS A 330 -32.09 16.39 -4.73
N ASN A 331 -32.10 15.59 -5.80
CA ASN A 331 -31.37 14.33 -5.81
C ASN A 331 -29.95 14.50 -5.26
N VAL A 332 -29.15 15.33 -5.92
CA VAL A 332 -27.76 15.50 -5.49
C VAL A 332 -27.71 15.90 -4.02
N GLN A 333 -28.54 16.87 -3.63
CA GLN A 333 -28.57 17.28 -2.23
C GLN A 333 -28.78 16.08 -1.32
N PHE A 334 -29.75 15.22 -1.66
CA PHE A 334 -29.99 14.03 -0.86
C PHE A 334 -28.71 13.23 -0.71
N VAL A 335 -28.00 12.98 -1.81
CA VAL A 335 -26.78 12.20 -1.74
C VAL A 335 -25.76 12.91 -0.87
N PHE A 336 -25.72 14.24 -0.93
CA PHE A 336 -24.82 14.99 -0.06
C PHE A 336 -25.23 14.81 1.40
N ASP A 337 -26.53 14.78 1.67
CA ASP A 337 -26.99 14.60 3.04
C ASP A 337 -26.71 13.18 3.54
N ALA A 338 -27.29 12.19 2.85
CA ALA A 338 -27.11 10.80 3.28
C ALA A 338 -25.64 10.47 3.43
N VAL A 339 -24.83 10.82 2.43
CA VAL A 339 -23.40 10.51 2.49
C VAL A 339 -22.79 11.09 3.76
N THR A 340 -23.14 12.33 4.09
CA THR A 340 -22.65 12.91 5.33
C THR A 340 -22.98 12.02 6.51
N ASP A 341 -24.24 11.61 6.63
CA ASP A 341 -24.63 10.74 7.74
C ASP A 341 -23.83 9.44 7.72
N VAL A 342 -23.41 8.98 6.54
CA VAL A 342 -22.52 7.83 6.48
C VAL A 342 -21.14 8.22 6.98
N ILE A 343 -20.57 9.29 6.43
CA ILE A 343 -19.20 9.67 6.77
C ILE A 343 -19.07 9.86 8.27
N ILE A 344 -19.99 10.63 8.86
CA ILE A 344 -19.94 10.86 10.30
C ILE A 344 -19.93 9.54 11.03
N LYS A 345 -20.85 8.63 10.65
CA LYS A 345 -20.97 7.39 11.39
C LYS A 345 -19.77 6.49 11.16
N ASN A 346 -18.97 6.77 10.13
CA ASN A 346 -17.69 6.09 10.00
C ASN A 346 -16.66 6.67 10.97
N ASN A 347 -16.57 7.99 11.03
CA ASN A 347 -15.61 8.62 11.94
C ASN A 347 -15.93 8.28 13.38
N LEU A 348 -17.20 8.30 13.76
CA LEU A 348 -17.58 7.91 15.11
C LEU A 348 -17.08 6.51 15.42
N LYS A 349 -17.00 5.65 14.41
CA LYS A 349 -16.48 4.30 14.63
C LYS A 349 -14.96 4.31 14.74
N ASP A 350 -14.29 5.17 13.95
CA ASP A 350 -12.84 5.18 13.94
C ASP A 350 -12.28 5.72 15.25
N CYS A 351 -12.86 6.78 15.79
CA CYS A 351 -12.39 7.38 17.04
C CYS A 351 -13.00 6.73 18.27
N GLY A 352 -13.92 5.77 18.10
CA GLY A 352 -14.43 4.98 19.20
C GLY A 352 -15.62 5.55 19.93
N LEU A 353 -16.21 6.64 19.45
CA LEU A 353 -17.39 7.19 20.12
C LEU A 353 -18.62 6.32 19.92
N PHE A 354 -18.85 5.84 18.70
CA PHE A 354 -20.05 5.07 18.40
C PHE A 354 -20.13 3.84 19.29
N LEU B 9 -30.19 -30.65 -34.59
CA LEU B 9 -29.36 -30.16 -33.46
C LEU B 9 -28.90 -31.32 -32.58
N ASP B 10 -29.81 -32.26 -32.33
CA ASP B 10 -29.50 -33.34 -31.40
C ASP B 10 -28.33 -34.19 -31.87
N GLN B 11 -28.16 -34.34 -33.19
CA GLN B 11 -27.08 -35.17 -33.70
C GLN B 11 -25.73 -34.61 -33.29
N LEU B 12 -25.54 -33.29 -33.41
CA LEU B 12 -24.27 -32.69 -33.02
C LEU B 12 -24.04 -32.77 -31.52
N ARG B 13 -25.10 -32.63 -30.72
CA ARG B 13 -24.97 -32.79 -29.28
C ARG B 13 -24.54 -34.21 -28.91
N GLN B 14 -25.15 -35.20 -29.56
CA GLN B 14 -24.73 -36.58 -29.32
C GLN B 14 -23.30 -36.81 -29.77
N GLU B 15 -22.90 -36.18 -30.87
CA GLU B 15 -21.52 -36.30 -31.32
C GLU B 15 -20.55 -35.70 -30.29
N ALA B 16 -20.92 -34.56 -29.72
CA ALA B 16 -20.08 -33.94 -28.69
C ALA B 16 -19.98 -34.85 -27.46
N GLU B 17 -21.11 -35.44 -27.05
CA GLU B 17 -21.09 -36.34 -25.91
C GLU B 17 -20.23 -37.57 -26.21
N GLN B 18 -20.33 -38.09 -27.43
CA GLN B 18 -19.52 -39.24 -27.83
C GLN B 18 -18.03 -38.89 -27.80
N LEU B 19 -17.68 -37.71 -28.29
CA LEU B 19 -16.28 -37.29 -28.27
C LEU B 19 -15.78 -37.14 -26.84
N LYS B 20 -16.60 -36.57 -25.96
CA LYS B 20 -16.22 -36.46 -24.56
C LYS B 20 -16.00 -37.84 -23.94
N ASN B 21 -16.89 -38.79 -24.24
CA ASN B 21 -16.73 -40.14 -23.73
C ASN B 21 -15.45 -40.77 -24.26
N GLN B 22 -15.16 -40.58 -25.54
CA GLN B 22 -13.96 -41.16 -26.13
C GLN B 22 -12.70 -40.60 -25.48
N ILE B 23 -12.65 -39.28 -25.29
CA ILE B 23 -11.45 -38.68 -24.69
C ILE B 23 -11.32 -39.10 -23.23
N ARG B 24 -12.44 -39.21 -22.50
CA ARG B 24 -12.37 -39.70 -21.14
C ARG B 24 -11.84 -41.13 -21.10
N ASP B 25 -12.29 -41.97 -22.03
CA ASP B 25 -11.81 -43.34 -22.09
C ASP B 25 -10.31 -43.38 -22.38
N ALA B 26 -9.84 -42.53 -23.29
CA ALA B 26 -8.41 -42.48 -23.57
C ALA B 26 -7.62 -42.03 -22.34
N ARG B 27 -8.10 -41.02 -21.62
CA ARG B 27 -7.39 -40.54 -20.45
C ARG B 27 -7.34 -41.65 -19.41
N LYS B 28 -8.45 -42.35 -19.20
CA LYS B 28 -8.43 -43.47 -18.26
C LYS B 28 -7.45 -44.54 -18.71
N ALA B 29 -7.39 -44.81 -20.02
CA ALA B 29 -6.46 -45.82 -20.52
C ALA B 29 -5.03 -45.43 -20.24
N CYS B 30 -4.70 -44.15 -20.31
CA CYS B 30 -3.33 -43.70 -20.06
C CYS B 30 -2.97 -43.66 -18.57
N ALA B 31 -3.96 -43.70 -17.67
CA ALA B 31 -3.69 -43.58 -16.25
C ALA B 31 -3.27 -44.91 -15.64
N ASP B 32 -2.05 -45.35 -15.94
CA ASP B 32 -1.57 -46.63 -15.41
C ASP B 32 -1.23 -46.53 -13.94
N ALA B 33 -0.51 -45.48 -13.54
CA ALA B 33 -0.11 -45.31 -12.15
C ALA B 33 0.05 -43.83 -11.84
N THR B 34 -0.53 -43.39 -10.72
CA THR B 34 -0.54 -41.97 -10.38
C THR B 34 0.84 -41.52 -9.89
N LEU B 35 1.00 -40.20 -9.83
CA LEU B 35 2.25 -39.63 -9.33
C LEU B 35 2.50 -40.03 -7.88
N SER B 36 1.45 -40.03 -7.05
CA SER B 36 1.63 -40.37 -5.64
C SER B 36 2.23 -41.76 -5.49
N GLN B 37 1.74 -42.73 -6.29
CA GLN B 37 2.34 -44.06 -6.27
C GLN B 37 3.78 -44.01 -6.75
N ILE B 38 4.05 -43.23 -7.80
CA ILE B 38 5.40 -43.16 -8.35
C ILE B 38 6.36 -42.51 -7.34
N THR B 39 5.86 -41.52 -6.59
CA THR B 39 6.68 -40.78 -5.64
C THR B 39 6.67 -41.38 -4.24
N ASN B 40 6.35 -42.67 -4.10
CA ASN B 40 6.17 -43.25 -2.77
C ASN B 40 7.46 -43.21 -1.96
N ASN B 41 8.58 -43.61 -2.58
CA ASN B 41 9.81 -43.89 -1.84
C ASN B 41 10.74 -42.69 -1.74
N ILE B 42 10.43 -41.56 -2.37
CA ILE B 42 11.32 -40.40 -2.31
C ILE B 42 11.09 -39.65 -1.00
N ASP B 43 12.19 -39.22 -0.38
CA ASP B 43 12.10 -38.61 0.94
C ASP B 43 11.38 -37.26 0.86
N PRO B 44 10.59 -36.91 1.87
CA PRO B 44 9.90 -35.62 1.84
C PRO B 44 10.86 -34.48 2.18
N VAL B 45 10.44 -33.27 1.79
CA VAL B 45 11.18 -32.08 2.19
C VAL B 45 10.85 -31.76 3.64
N GLY B 46 11.81 -31.16 4.33
CA GLY B 46 11.63 -30.83 5.73
C GLY B 46 10.67 -29.69 5.91
N ARG B 47 10.40 -29.36 7.18
CA ARG B 47 9.52 -28.26 7.51
C ARG B 47 10.10 -26.98 6.93
N ILE B 48 9.44 -26.42 5.91
CA ILE B 48 9.98 -25.27 5.20
C ILE B 48 9.60 -23.99 5.95
N GLN B 49 10.41 -23.61 6.91
CA GLN B 49 10.19 -22.35 7.61
C GLN B 49 10.84 -21.20 6.84
N MET B 50 10.08 -20.13 6.66
CA MET B 50 10.55 -18.95 5.94
C MET B 50 10.29 -17.71 6.77
N ARG B 51 11.30 -16.85 6.87
CA ARG B 51 11.20 -15.61 7.61
C ARG B 51 10.95 -14.44 6.66
N THR B 52 10.30 -13.41 7.18
CA THR B 52 10.02 -12.22 6.37
C THR B 52 11.30 -11.37 6.29
N ARG B 53 12.09 -11.60 5.24
CA ARG B 53 13.32 -10.84 5.09
C ARG B 53 13.05 -9.36 4.83
N ARG B 54 12.05 -9.05 4.02
CA ARG B 54 11.72 -7.65 3.73
C ARG B 54 10.21 -7.50 3.69
N THR B 55 9.74 -6.40 4.25
CA THR B 55 8.33 -6.02 4.21
C THR B 55 8.20 -4.75 3.39
N LEU B 56 7.71 -4.89 2.17
CA LEU B 56 7.54 -3.74 1.28
C LEU B 56 6.22 -3.07 1.58
N ARG B 57 6.28 -1.83 2.05
CA ARG B 57 5.09 -1.10 2.45
C ARG B 57 5.08 0.26 1.77
N GLY B 58 3.89 0.83 1.65
CA GLY B 58 3.70 2.07 0.93
C GLY B 58 2.42 2.08 0.14
N HIS B 59 1.93 0.89 -0.22
CA HIS B 59 0.63 0.80 -0.88
C HIS B 59 -0.48 1.14 0.08
N LEU B 60 -1.49 1.85 -0.41
CA LEU B 60 -2.55 2.38 0.44
C LEU B 60 -3.78 1.49 0.50
N ALA B 61 -3.94 0.55 -0.44
CA ALA B 61 -5.12 -0.29 -0.49
C ALA B 61 -4.70 -1.70 -0.87
N LYS B 62 -5.68 -2.52 -1.23
CA LYS B 62 -5.44 -3.92 -1.54
C LYS B 62 -4.41 -4.08 -2.65
N ILE B 63 -3.46 -4.99 -2.44
CA ILE B 63 -2.57 -5.42 -3.52
C ILE B 63 -3.31 -6.45 -4.35
N TYR B 64 -3.41 -6.20 -5.66
CA TYR B 64 -4.18 -7.09 -6.52
C TYR B 64 -3.33 -7.87 -7.49
N ALA B 65 -2.07 -7.52 -7.66
CA ALA B 65 -1.18 -8.30 -8.51
C ALA B 65 0.25 -7.81 -8.31
N MET B 66 1.20 -8.70 -8.58
CA MET B 66 2.60 -8.37 -8.55
C MET B 66 3.34 -9.29 -9.50
N HIS B 67 4.53 -8.85 -9.92
CA HIS B 67 5.33 -9.65 -10.83
C HIS B 67 6.80 -9.32 -10.63
N TRP B 68 7.65 -10.32 -10.85
CA TRP B 68 9.09 -10.18 -10.69
C TRP B 68 9.73 -9.82 -12.02
N GLY B 69 10.75 -8.96 -11.96
CA GLY B 69 11.62 -8.79 -13.11
C GLY B 69 12.55 -9.96 -13.27
N THR B 70 13.02 -10.15 -14.51
CA THR B 70 13.91 -11.26 -14.79
C THR B 70 15.24 -11.14 -14.04
N ASP B 71 15.60 -9.94 -13.57
CA ASP B 71 16.82 -9.78 -12.78
C ASP B 71 16.67 -10.32 -11.36
N SER B 72 15.45 -10.70 -10.96
CA SER B 72 15.18 -11.25 -9.63
C SER B 72 15.37 -10.21 -8.53
N ARG B 73 15.43 -8.94 -8.89
CA ARG B 73 15.60 -7.87 -7.91
C ARG B 73 14.49 -6.84 -7.96
N LEU B 74 14.06 -6.44 -9.15
CA LEU B 74 12.98 -5.47 -9.29
C LEU B 74 11.65 -6.19 -9.38
N LEU B 75 10.62 -5.60 -8.77
CA LEU B 75 9.29 -6.19 -8.83
C LEU B 75 8.23 -5.11 -8.89
N VAL B 76 7.24 -5.32 -9.75
CA VAL B 76 6.12 -4.39 -9.91
C VAL B 76 4.94 -4.93 -9.12
N SER B 77 4.25 -4.03 -8.42
CA SER B 77 3.04 -4.39 -7.69
C SER B 77 1.95 -3.39 -8.06
N ALA B 78 0.74 -3.90 -8.23
CA ALA B 78 -0.41 -3.09 -8.62
C ALA B 78 -1.41 -3.07 -7.47
N SER B 79 -1.89 -1.87 -7.14
CA SER B 79 -2.85 -1.73 -6.06
C SER B 79 -4.06 -0.95 -6.56
N GLN B 80 -5.19 -1.15 -5.83
CA GLN B 80 -6.46 -0.51 -6.17
C GLN B 80 -6.51 0.93 -5.73
N ASP B 81 -5.49 1.44 -5.01
CA ASP B 81 -5.45 2.88 -4.76
C ASP B 81 -5.06 3.64 -6.01
N GLY B 82 -4.76 2.93 -7.10
CA GLY B 82 -4.43 3.58 -8.36
C GLY B 82 -2.94 3.75 -8.58
N LYS B 83 -2.13 2.78 -8.18
CA LYS B 83 -0.69 2.90 -8.24
C LYS B 83 -0.04 1.58 -8.66
N LEU B 84 0.89 1.69 -9.62
CA LEU B 84 1.87 0.65 -9.88
C LEU B 84 3.21 1.06 -9.29
N ILE B 85 3.68 0.30 -8.31
CA ILE B 85 4.95 0.60 -7.66
C ILE B 85 5.98 -0.42 -8.10
N ILE B 86 7.06 0.06 -8.69
CA ILE B 86 8.22 -0.76 -9.04
C ILE B 86 9.22 -0.61 -7.90
N TRP B 87 9.40 -1.68 -7.15
CA TRP B 87 10.28 -1.73 -5.98
C TRP B 87 11.59 -2.39 -6.35
N ASP B 88 12.65 -1.96 -5.66
CA ASP B 88 13.91 -2.71 -5.60
C ASP B 88 13.85 -3.59 -4.37
N SER B 89 13.67 -4.89 -4.58
CA SER B 89 13.45 -5.81 -3.47
C SER B 89 14.63 -5.88 -2.51
N TYR B 90 15.85 -5.70 -3.01
CA TYR B 90 17.02 -5.82 -2.13
C TYR B 90 17.01 -4.74 -1.06
N THR B 91 16.67 -3.51 -1.42
CA THR B 91 16.72 -2.38 -0.50
C THR B 91 15.34 -1.83 -0.15
N THR B 92 14.27 -2.35 -0.77
CA THR B 92 12.91 -1.88 -0.54
C THR B 92 12.68 -0.46 -1.03
N ASN B 93 13.60 0.08 -1.83
CA ASN B 93 13.43 1.43 -2.36
C ASN B 93 12.38 1.44 -3.45
N LYS B 94 11.54 2.46 -3.46
CA LYS B 94 10.64 2.67 -4.59
C LYS B 94 11.45 3.14 -5.79
N VAL B 95 11.50 2.31 -6.83
CA VAL B 95 12.14 2.69 -8.08
C VAL B 95 11.22 3.53 -8.94
N HIS B 96 9.94 3.19 -8.97
CA HIS B 96 8.96 4.01 -9.70
C HIS B 96 7.61 3.92 -9.02
N ALA B 97 6.83 4.98 -9.17
CA ALA B 97 5.43 5.00 -8.76
C ALA B 97 4.61 5.60 -9.90
N ILE B 98 3.76 4.79 -10.50
CA ILE B 98 3.04 5.13 -11.72
C ILE B 98 1.56 5.30 -11.37
N PRO B 99 0.98 6.49 -11.55
CA PRO B 99 -0.47 6.63 -11.41
C PRO B 99 -1.19 6.04 -12.60
N LEU B 100 -2.36 5.44 -12.35
CA LEU B 100 -3.11 4.78 -13.39
C LEU B 100 -4.33 5.60 -13.78
N ARG B 101 -4.75 5.46 -15.04
CA ARG B 101 -5.95 6.14 -15.50
C ARG B 101 -7.19 5.64 -14.75
N SER B 102 -7.28 4.33 -14.53
CA SER B 102 -8.35 3.73 -13.76
C SER B 102 -7.75 2.95 -12.59
N SER B 103 -8.22 3.27 -11.39
CA SER B 103 -7.67 2.65 -10.18
C SER B 103 -8.10 1.20 -10.01
N TRP B 104 -9.00 0.70 -10.85
CA TRP B 104 -9.52 -0.66 -10.73
C TRP B 104 -8.59 -1.69 -11.37
N VAL B 105 -7.33 -1.72 -10.97
CA VAL B 105 -6.35 -2.61 -11.60
C VAL B 105 -6.45 -3.98 -10.95
N MET B 106 -6.64 -5.01 -11.77
CA MET B 106 -6.74 -6.38 -11.30
C MET B 106 -5.52 -7.22 -11.65
N THR B 107 -4.59 -6.69 -12.44
CA THR B 107 -3.43 -7.45 -12.87
C THR B 107 -2.31 -6.50 -13.24
N CYS B 108 -1.10 -7.05 -13.36
CA CYS B 108 0.06 -6.29 -13.80
C CYS B 108 1.10 -7.27 -14.33
N ALA B 109 2.03 -6.74 -15.12
CA ALA B 109 3.06 -7.56 -15.72
C ALA B 109 4.35 -6.74 -15.83
N TYR B 110 5.46 -7.46 -15.86
CA TYR B 110 6.79 -6.89 -16.04
C TYR B 110 7.40 -7.48 -17.29
N ALA B 111 7.84 -6.62 -18.21
CA ALA B 111 8.41 -7.10 -19.44
C ALA B 111 9.66 -7.93 -19.14
N PRO B 112 9.86 -9.07 -19.83
CA PRO B 112 11.06 -9.87 -19.56
C PRO B 112 12.35 -9.10 -19.81
N SER B 113 12.34 -8.13 -20.71
CA SER B 113 13.51 -7.27 -20.92
C SER B 113 13.61 -6.19 -19.86
N GLY B 114 12.55 -5.96 -19.08
CA GLY B 114 12.55 -4.95 -18.05
C GLY B 114 12.24 -3.55 -18.53
N ASN B 115 12.02 -3.36 -19.83
CA ASN B 115 11.75 -2.02 -20.35
C ASN B 115 10.34 -1.55 -20.03
N TYR B 116 9.35 -2.43 -20.13
CA TYR B 116 7.95 -2.06 -20.03
C TYR B 116 7.28 -2.79 -18.88
N VAL B 117 6.21 -2.18 -18.38
CA VAL B 117 5.25 -2.88 -17.52
C VAL B 117 3.89 -2.75 -18.18
N ALA B 118 2.92 -3.48 -17.66
CA ALA B 118 1.56 -3.44 -18.18
C ALA B 118 0.58 -3.65 -17.04
N CYS B 119 -0.65 -3.18 -17.24
CA CYS B 119 -1.69 -3.39 -16.26
C CYS B 119 -3.05 -3.29 -16.94
N GLY B 120 -4.08 -3.69 -16.21
CA GLY B 120 -5.44 -3.63 -16.72
C GLY B 120 -6.42 -3.99 -15.63
N GLY B 121 -7.70 -3.86 -15.96
CA GLY B 121 -8.73 -4.18 -14.99
C GLY B 121 -10.13 -3.95 -15.50
N LEU B 122 -11.00 -3.42 -14.64
CA LEU B 122 -12.40 -3.25 -15.00
C LEU B 122 -12.60 -2.28 -16.16
N ASP B 123 -11.60 -1.49 -16.51
CA ASP B 123 -11.71 -0.60 -17.66
C ASP B 123 -11.59 -1.33 -18.99
N ASN B 124 -11.23 -2.61 -18.98
CA ASN B 124 -11.14 -3.44 -20.18
C ASN B 124 -9.99 -3.02 -21.10
N ILE B 125 -9.05 -2.22 -20.60
CA ILE B 125 -7.96 -1.68 -21.39
C ILE B 125 -6.65 -2.16 -20.79
N CYS B 126 -5.75 -2.64 -21.63
CA CYS B 126 -4.41 -3.02 -21.18
C CYS B 126 -3.46 -1.86 -21.47
N SER B 127 -3.04 -1.17 -20.41
CA SER B 127 -2.14 -0.04 -20.55
C SER B 127 -0.71 -0.51 -20.39
N ILE B 128 0.15 -0.15 -21.34
CA ILE B 128 1.56 -0.49 -21.33
C ILE B 128 2.34 0.78 -20.99
N TYR B 129 3.24 0.67 -20.02
CA TYR B 129 4.04 1.79 -19.55
C TYR B 129 5.50 1.56 -19.91
N ASN B 130 6.13 2.57 -20.48
CA ASN B 130 7.52 2.50 -20.91
C ASN B 130 8.39 3.10 -19.80
N LEU B 131 9.36 2.32 -19.32
CA LEU B 131 10.17 2.75 -18.19
C LEU B 131 11.49 3.38 -18.61
N LYS B 132 11.91 3.22 -19.86
CA LYS B 132 13.22 3.67 -20.31
C LYS B 132 13.13 4.96 -21.14
N THR B 133 12.25 5.88 -20.75
CA THR B 133 12.07 7.05 -21.57
C THR B 133 13.19 8.05 -21.32
N ARG B 134 13.57 8.81 -22.34
CA ARG B 134 14.59 9.83 -22.20
C ARG B 134 14.08 11.00 -21.35
N GLU B 135 12.76 11.20 -21.30
CA GLU B 135 12.22 12.26 -20.45
C GLU B 135 12.43 11.98 -18.97
N GLY B 136 12.71 10.73 -18.60
CA GLY B 136 12.93 10.39 -17.22
C GLY B 136 11.69 10.13 -16.41
N ASN B 137 10.53 10.04 -17.06
CA ASN B 137 9.28 9.72 -16.40
C ASN B 137 8.59 8.58 -17.14
N VAL B 138 7.84 7.77 -16.39
CA VAL B 138 7.13 6.65 -16.99
C VAL B 138 5.85 7.16 -17.65
N ARG B 139 5.66 6.79 -18.93
CA ARG B 139 4.55 7.30 -19.69
C ARG B 139 3.88 6.14 -20.39
N VAL B 140 2.59 6.25 -20.68
CA VAL B 140 1.83 5.18 -21.29
C VAL B 140 2.29 4.99 -22.73
N SER B 141 2.85 3.82 -23.01
CA SER B 141 3.28 3.52 -24.37
C SER B 141 2.11 3.25 -25.29
N ARG B 142 1.12 2.50 -24.81
CA ARG B 142 -0.03 2.14 -25.62
C ARG B 142 -1.18 1.77 -24.70
N GLU B 143 -2.40 1.86 -25.22
CA GLU B 143 -3.60 1.40 -24.54
C GLU B 143 -4.32 0.43 -25.47
N LEU B 144 -4.33 -0.84 -25.11
CA LEU B 144 -4.93 -1.89 -25.91
C LEU B 144 -6.39 -2.02 -25.54
N ALA B 145 -7.27 -1.79 -26.52
CA ALA B 145 -8.71 -1.88 -26.36
C ALA B 145 -9.25 -2.94 -27.31
N GLY B 146 -10.40 -3.51 -26.96
CA GLY B 146 -11.01 -4.54 -27.77
C GLY B 146 -11.71 -5.60 -26.93
N HIS B 147 -11.35 -5.70 -25.66
CA HIS B 147 -12.03 -6.63 -24.77
C HIS B 147 -13.28 -5.98 -24.20
N THR B 148 -14.35 -6.77 -24.12
CA THR B 148 -15.63 -6.32 -23.60
C THR B 148 -15.81 -6.70 -22.13
N GLY B 149 -14.74 -6.75 -21.37
CA GLY B 149 -14.83 -7.13 -19.96
C GLY B 149 -13.51 -6.87 -19.27
N TYR B 150 -13.54 -7.00 -17.96
CA TYR B 150 -12.36 -6.72 -17.14
C TYR B 150 -11.22 -7.65 -17.53
N LEU B 151 -10.00 -7.10 -17.53
CA LEU B 151 -8.81 -7.92 -17.75
C LEU B 151 -8.43 -8.63 -16.46
N SER B 152 -8.20 -9.94 -16.56
CA SER B 152 -7.83 -10.75 -15.40
C SER B 152 -6.34 -11.00 -15.29
N CYS B 153 -5.62 -11.08 -16.41
CA CYS B 153 -4.19 -11.35 -16.38
C CYS B 153 -3.54 -10.81 -17.63
N CYS B 154 -2.27 -10.43 -17.51
CA CYS B 154 -1.45 -9.94 -18.61
C CYS B 154 -0.06 -10.53 -18.48
N ARG B 155 0.53 -10.93 -19.60
CA ARG B 155 1.88 -11.50 -19.59
C ARG B 155 2.59 -11.12 -20.89
N PHE B 156 3.85 -10.71 -20.75
CA PHE B 156 4.63 -10.27 -21.89
C PHE B 156 5.33 -11.45 -22.55
N LEU B 157 5.31 -11.47 -23.88
CA LEU B 157 6.17 -12.36 -24.65
C LEU B 157 7.44 -11.65 -25.08
N ASP B 158 7.30 -10.47 -25.67
CA ASP B 158 8.42 -9.61 -26.05
C ASP B 158 8.09 -8.20 -25.60
N ASP B 159 8.89 -7.25 -26.05
CA ASP B 159 8.56 -5.85 -25.84
C ASP B 159 7.46 -5.38 -26.79
N ASN B 160 7.08 -6.20 -27.76
CA ASN B 160 6.08 -5.84 -28.76
C ASN B 160 4.89 -6.77 -28.77
N GLN B 161 4.87 -7.82 -27.94
CA GLN B 161 3.78 -8.78 -27.93
C GLN B 161 3.35 -9.03 -26.49
N ILE B 162 2.05 -8.96 -26.24
CA ILE B 162 1.48 -9.23 -24.92
C ILE B 162 0.22 -10.06 -25.10
N VAL B 163 0.03 -11.05 -24.23
CA VAL B 163 -1.16 -11.87 -24.20
C VAL B 163 -1.96 -11.52 -22.95
N THR B 164 -3.25 -11.25 -23.12
CA THR B 164 -4.11 -10.82 -22.04
C THR B 164 -5.42 -11.60 -22.07
N SER B 165 -5.84 -12.08 -20.90
CA SER B 165 -7.11 -12.75 -20.75
C SER B 165 -8.10 -11.80 -20.07
N SER B 166 -9.36 -11.87 -20.49
CA SER B 166 -10.36 -10.92 -20.03
C SER B 166 -11.53 -11.66 -19.39
N GLY B 167 -12.47 -10.96 -18.77
CA GLY B 167 -13.65 -11.55 -18.18
C GLY B 167 -14.79 -11.46 -19.14
N ASP B 168 -14.56 -11.79 -20.42
CA ASP B 168 -15.66 -11.90 -21.36
C ASP B 168 -15.43 -13.22 -22.09
N THR B 169 -14.83 -14.21 -21.41
CA THR B 169 -14.54 -15.54 -21.98
C THR B 169 -13.49 -15.60 -23.11
N THR B 170 -12.60 -14.61 -23.25
CA THR B 170 -11.64 -14.58 -24.35
C THR B 170 -10.27 -14.13 -23.87
N CYS B 171 -9.26 -14.56 -24.60
CA CYS B 171 -7.89 -14.07 -24.48
C CYS B 171 -7.47 -13.47 -25.81
N ALA B 172 -6.35 -12.75 -25.81
CA ALA B 172 -5.92 -12.09 -27.02
C ALA B 172 -4.42 -11.83 -26.97
N LEU B 173 -3.77 -12.13 -28.08
CA LEU B 173 -2.37 -11.77 -28.32
C LEU B 173 -2.33 -10.53 -29.20
N TRP B 174 -1.62 -9.51 -28.73
CA TRP B 174 -1.61 -8.19 -29.34
C TRP B 174 -0.24 -7.86 -29.89
N ASP B 175 -0.22 -6.96 -30.87
CA ASP B 175 1.01 -6.31 -31.32
C ASP B 175 1.01 -4.89 -30.73
N ILE B 176 1.86 -4.67 -29.74
CA ILE B 176 1.81 -3.41 -29.00
C ILE B 176 2.08 -2.23 -29.92
N GLU B 177 3.03 -2.37 -30.85
CA GLU B 177 3.35 -1.28 -31.74
C GLU B 177 2.16 -0.88 -32.61
N THR B 178 1.42 -1.86 -33.15
CA THR B 178 0.26 -1.53 -33.95
C THR B 178 -0.93 -1.09 -33.09
N GLY B 179 -1.06 -1.66 -31.90
CA GLY B 179 -2.15 -1.29 -31.01
C GLY B 179 -3.42 -2.08 -31.21
N GLN B 180 -3.37 -3.19 -31.93
CA GLN B 180 -4.55 -4.00 -32.20
C GLN B 180 -4.21 -5.47 -31.97
N GLN B 181 -5.21 -6.23 -31.52
CA GLN B 181 -5.01 -7.64 -31.23
C GLN B 181 -4.83 -8.41 -32.54
N THR B 182 -3.73 -9.16 -32.64
CA THR B 182 -3.47 -9.96 -33.82
C THR B 182 -4.06 -11.36 -33.74
N THR B 183 -4.25 -11.89 -32.54
CA THR B 183 -4.88 -13.20 -32.38
C THR B 183 -5.89 -13.13 -31.26
N THR B 184 -7.03 -13.79 -31.44
CA THR B 184 -8.07 -13.85 -30.44
C THR B 184 -8.38 -15.31 -30.12
N PHE B 185 -8.27 -15.66 -28.84
CA PHE B 185 -8.50 -17.02 -28.37
C PHE B 185 -9.88 -17.07 -27.73
N THR B 186 -10.74 -17.93 -28.26
CA THR B 186 -12.11 -18.07 -27.78
C THR B 186 -12.41 -19.56 -27.59
N GLY B 187 -13.37 -19.85 -26.71
CA GLY B 187 -13.76 -21.21 -26.44
C GLY B 187 -14.12 -21.46 -24.99
N HIS B 188 -13.71 -20.55 -24.11
CA HIS B 188 -14.07 -20.68 -22.71
C HIS B 188 -15.55 -20.41 -22.51
N THR B 189 -16.11 -21.01 -21.46
CA THR B 189 -17.52 -20.86 -21.13
C THR B 189 -17.77 -19.75 -20.14
N GLY B 190 -16.83 -19.47 -19.23
CA GLY B 190 -16.98 -18.42 -18.25
C GLY B 190 -15.82 -17.44 -18.32
N ASP B 191 -15.86 -16.48 -17.40
CA ASP B 191 -14.84 -15.43 -17.38
C ASP B 191 -13.45 -16.05 -17.22
N VAL B 192 -12.51 -15.58 -18.02
CA VAL B 192 -11.13 -16.10 -17.95
C VAL B 192 -10.45 -15.34 -16.83
N MET B 193 -10.08 -16.08 -15.78
CA MET B 193 -9.60 -15.44 -14.57
C MET B 193 -8.07 -15.43 -14.47
N SER B 194 -7.38 -16.40 -15.06
CA SER B 194 -5.93 -16.43 -14.91
C SER B 194 -5.30 -16.92 -16.20
N LEU B 195 -4.00 -16.63 -16.35
CA LEU B 195 -3.27 -16.98 -17.56
C LEU B 195 -1.80 -17.14 -17.19
N SER B 196 -1.13 -18.07 -17.88
CA SER B 196 0.27 -18.36 -17.60
C SER B 196 0.98 -18.71 -18.90
N LEU B 197 2.07 -18.00 -19.19
CA LEU B 197 2.89 -18.30 -20.34
C LEU B 197 3.79 -19.50 -20.07
N ALA B 198 4.08 -20.24 -21.13
CA ALA B 198 5.04 -21.33 -21.02
C ALA B 198 6.44 -20.75 -20.87
N PRO B 199 7.39 -21.53 -20.33
CA PRO B 199 8.76 -21.04 -20.25
C PRO B 199 9.32 -20.62 -21.61
N ASP B 200 8.99 -21.36 -22.66
CA ASP B 200 9.39 -21.04 -24.02
C ASP B 200 8.43 -20.07 -24.71
N THR B 201 7.28 -19.76 -24.11
CA THR B 201 6.37 -18.75 -24.62
C THR B 201 5.64 -19.17 -25.91
N ARG B 202 5.87 -20.39 -26.42
CA ARG B 202 5.11 -20.84 -27.58
C ARG B 202 3.67 -21.18 -27.22
N LEU B 203 3.43 -21.61 -25.99
CA LEU B 203 2.11 -22.00 -25.51
C LEU B 203 1.78 -21.25 -24.23
N PHE B 204 0.48 -21.10 -23.97
CA PHE B 204 0.03 -20.51 -22.72
C PHE B 204 -1.29 -21.15 -22.31
N VAL B 205 -1.50 -21.19 -20.99
CA VAL B 205 -2.67 -21.85 -20.41
C VAL B 205 -3.53 -20.81 -19.70
N SER B 206 -4.85 -20.92 -19.88
CA SER B 206 -5.80 -19.98 -19.32
C SER B 206 -6.83 -20.72 -18.49
N GLY B 207 -7.12 -20.17 -17.30
CA GLY B 207 -8.13 -20.73 -16.42
C GLY B 207 -9.29 -19.77 -16.29
N ALA B 208 -10.51 -20.31 -16.39
CA ALA B 208 -11.73 -19.52 -16.47
C ALA B 208 -12.68 -19.94 -15.37
N CYS B 209 -13.74 -19.15 -15.22
CA CYS B 209 -14.73 -19.39 -14.16
C CYS B 209 -15.55 -20.65 -14.37
N ASP B 210 -15.52 -21.24 -15.57
CA ASP B 210 -16.24 -22.48 -15.81
C ASP B 210 -15.52 -23.71 -15.26
N ALA B 211 -14.51 -23.51 -14.42
CA ALA B 211 -13.77 -24.57 -13.74
C ALA B 211 -12.86 -25.35 -14.67
N SER B 212 -12.77 -24.96 -15.94
CA SER B 212 -11.90 -25.64 -16.89
C SER B 212 -10.70 -24.77 -17.22
N ALA B 213 -9.61 -25.44 -17.59
CA ALA B 213 -8.41 -24.78 -18.09
C ALA B 213 -8.20 -25.17 -19.55
N LYS B 214 -7.55 -24.30 -20.31
CA LYS B 214 -7.34 -24.52 -21.73
C LYS B 214 -5.92 -24.15 -22.11
N LEU B 215 -5.28 -25.02 -22.91
CA LEU B 215 -3.96 -24.76 -23.44
C LEU B 215 -4.09 -24.23 -24.85
N TRP B 216 -3.37 -23.15 -25.15
CA TRP B 216 -3.41 -22.51 -26.45
C TRP B 216 -2.00 -22.38 -27.00
N ASP B 217 -1.88 -22.55 -28.32
CA ASP B 217 -0.65 -22.26 -29.04
C ASP B 217 -0.75 -20.83 -29.55
N VAL B 218 0.23 -20.00 -29.17
CA VAL B 218 0.12 -18.57 -29.43
C VAL B 218 0.06 -18.29 -30.92
N ARG B 219 0.80 -19.04 -31.73
CA ARG B 219 0.86 -18.80 -33.16
C ARG B 219 -0.26 -19.50 -33.93
N GLU B 220 -0.64 -20.70 -33.50
CA GLU B 220 -1.74 -21.39 -34.17
C GLU B 220 -3.08 -20.73 -33.86
N GLY B 221 -3.23 -20.15 -32.67
CA GLY B 221 -4.41 -19.37 -32.35
C GLY B 221 -5.61 -20.17 -31.89
N MET B 222 -5.45 -21.47 -31.63
CA MET B 222 -6.55 -22.32 -31.22
C MET B 222 -6.11 -23.19 -30.05
N CYS B 223 -7.06 -23.49 -29.17
CA CYS B 223 -6.79 -24.31 -28.00
C CYS B 223 -6.37 -25.70 -28.44
N ARG B 224 -5.47 -26.34 -27.68
CA ARG B 224 -5.05 -27.69 -28.00
C ARG B 224 -5.65 -28.71 -27.05
N GLN B 225 -5.69 -28.41 -25.76
CA GLN B 225 -6.18 -29.34 -24.76
C GLN B 225 -7.06 -28.60 -23.76
N THR B 226 -8.02 -29.32 -23.20
CA THR B 226 -8.90 -28.80 -22.15
C THR B 226 -8.80 -29.71 -20.94
N PHE B 227 -8.63 -29.10 -19.77
CA PHE B 227 -8.46 -29.82 -18.52
C PHE B 227 -9.60 -29.49 -17.57
N THR B 228 -10.09 -30.51 -16.87
CA THR B 228 -11.21 -30.37 -15.96
C THR B 228 -10.89 -31.15 -14.70
N GLY B 229 -11.66 -30.90 -13.64
CA GLY B 229 -11.45 -31.56 -12.38
C GLY B 229 -11.77 -30.70 -11.18
N HIS B 230 -11.82 -29.39 -11.37
CA HIS B 230 -12.28 -28.50 -10.31
C HIS B 230 -13.80 -28.38 -10.32
N GLU B 231 -14.38 -28.29 -9.13
CA GLU B 231 -15.81 -28.09 -8.99
C GLU B 231 -16.19 -26.60 -8.90
N SER B 232 -15.21 -25.71 -8.98
CA SER B 232 -15.50 -24.28 -8.93
C SER B 232 -14.53 -23.54 -9.83
N ASP B 233 -14.77 -22.23 -9.96
CA ASP B 233 -13.93 -21.36 -10.76
C ASP B 233 -12.48 -21.38 -10.44
N ILE B 234 -11.60 -21.22 -11.43
CA ILE B 234 -10.15 -21.23 -11.26
C ILE B 234 -9.69 -19.78 -11.16
N ASN B 235 -8.97 -19.46 -10.07
CA ASN B 235 -8.51 -18.10 -9.84
C ASN B 235 -7.02 -17.91 -10.15
N ALA B 236 -6.28 -19.00 -10.35
CA ALA B 236 -4.83 -18.88 -10.52
C ALA B 236 -4.30 -20.07 -11.29
N ILE B 237 -3.25 -19.83 -12.08
CA ILE B 237 -2.50 -20.87 -12.76
C ILE B 237 -1.03 -20.51 -12.75
N CYS B 238 -0.18 -21.55 -12.83
CA CYS B 238 1.24 -21.35 -13.05
C CYS B 238 1.78 -22.56 -13.81
N PHE B 239 2.88 -22.35 -14.52
CA PHE B 239 3.54 -23.45 -15.20
C PHE B 239 4.59 -24.09 -14.30
N PHE B 240 4.59 -25.41 -14.27
CA PHE B 240 5.71 -26.12 -13.68
C PHE B 240 6.98 -25.77 -14.46
N PRO B 241 8.06 -25.40 -13.79
CA PRO B 241 9.20 -24.79 -14.51
C PRO B 241 9.66 -25.58 -15.72
N ASN B 242 9.54 -26.91 -15.71
CA ASN B 242 9.90 -27.71 -16.86
C ASN B 242 9.03 -27.40 -18.08
N GLY B 243 7.87 -26.79 -17.89
CA GLY B 243 6.97 -26.47 -18.98
C GLY B 243 6.10 -27.61 -19.44
N ASN B 244 6.24 -28.80 -18.86
CA ASN B 244 5.43 -29.95 -19.22
C ASN B 244 4.22 -30.13 -18.32
N ALA B 245 4.02 -29.25 -17.34
CA ALA B 245 2.90 -29.39 -16.42
C ALA B 245 2.55 -28.01 -15.88
N PHE B 246 1.36 -27.93 -15.26
CA PHE B 246 0.90 -26.67 -14.69
C PHE B 246 -0.05 -26.95 -13.54
N ALA B 247 -0.03 -26.07 -12.54
CA ALA B 247 -0.87 -26.19 -11.37
C ALA B 247 -1.88 -25.05 -11.32
N THR B 248 -3.09 -25.37 -10.92
CA THR B 248 -4.19 -24.41 -10.86
C THR B 248 -4.81 -24.40 -9.48
N GLY B 249 -5.23 -23.23 -9.06
CA GLY B 249 -5.97 -23.09 -7.81
C GLY B 249 -7.35 -22.52 -8.09
N SER B 250 -8.32 -22.99 -7.32
CA SER B 250 -9.72 -22.66 -7.56
C SER B 250 -10.42 -22.33 -6.26
N ASP B 251 -11.60 -21.70 -6.38
CA ASP B 251 -12.39 -21.38 -5.21
C ASP B 251 -12.88 -22.61 -4.47
N ASP B 252 -12.82 -23.81 -5.10
CA ASP B 252 -13.22 -25.07 -4.44
C ASP B 252 -12.22 -25.40 -3.33
N ALA B 253 -11.15 -24.61 -3.12
CA ALA B 253 -10.26 -24.72 -1.98
C ALA B 253 -9.23 -25.85 -2.11
N THR B 254 -8.92 -26.27 -3.33
CA THR B 254 -7.86 -27.24 -3.54
C THR B 254 -7.12 -26.95 -4.84
N CYS B 255 -5.81 -27.02 -4.79
CA CYS B 255 -4.97 -26.90 -5.97
C CYS B 255 -4.89 -28.24 -6.69
N ARG B 256 -4.51 -28.19 -7.96
CA ARG B 256 -4.49 -29.40 -8.77
C ARG B 256 -3.36 -29.28 -9.79
N LEU B 257 -2.74 -30.41 -10.13
CA LEU B 257 -1.60 -30.44 -11.04
C LEU B 257 -1.97 -31.26 -12.27
N PHE B 258 -1.70 -30.69 -13.46
CA PHE B 258 -1.98 -31.34 -14.72
C PHE B 258 -0.70 -31.45 -15.53
N ASP B 259 -0.60 -32.50 -16.34
CA ASP B 259 0.49 -32.67 -17.28
C ASP B 259 -0.07 -32.62 -18.70
N LEU B 260 0.59 -31.87 -19.57
CA LEU B 260 0.05 -31.62 -20.90
C LEU B 260 -0.03 -32.91 -21.71
N ARG B 261 1.06 -33.69 -21.72
CA ARG B 261 1.07 -34.91 -22.52
C ARG B 261 0.13 -35.97 -21.95
N ALA B 262 0.11 -36.15 -20.64
CA ALA B 262 -0.84 -37.07 -20.03
C ALA B 262 -2.28 -36.58 -20.21
N ASP B 263 -2.48 -35.26 -20.26
CA ASP B 263 -3.79 -34.67 -20.57
C ASP B 263 -4.80 -35.05 -19.49
N GLN B 264 -4.36 -35.00 -18.22
CA GLN B 264 -5.25 -35.23 -17.10
C GLN B 264 -4.53 -34.81 -15.83
N GLU B 265 -5.30 -34.65 -14.75
CA GLU B 265 -4.73 -34.20 -13.49
C GLU B 265 -3.90 -35.31 -12.85
N LEU B 266 -2.62 -35.03 -12.62
CA LEU B 266 -1.76 -36.00 -11.96
C LEU B 266 -2.00 -36.07 -10.46
N MET B 267 -2.28 -34.95 -9.81
CA MET B 267 -2.39 -34.94 -8.36
C MET B 267 -3.25 -33.78 -7.90
N THR B 268 -3.72 -33.89 -6.66
CA THR B 268 -4.60 -32.89 -6.04
C THR B 268 -4.06 -32.57 -4.66
N TYR B 269 -4.26 -31.32 -4.23
CA TYR B 269 -3.69 -30.82 -2.98
C TYR B 269 -4.78 -30.41 -2.00
N SER B 270 -5.80 -31.24 -1.85
CA SER B 270 -6.85 -30.97 -0.88
C SER B 270 -6.29 -31.03 0.54
N HIS B 271 -7.06 -30.51 1.48
CA HIS B 271 -6.67 -30.53 2.89
C HIS B 271 -7.91 -30.45 3.75
N ASP B 272 -7.75 -30.80 5.02
CA ASP B 272 -8.84 -30.75 5.99
C ASP B 272 -9.02 -29.34 6.56
N ASN B 273 -7.93 -28.75 7.08
CA ASN B 273 -8.02 -27.42 7.67
C ASN B 273 -8.46 -26.38 6.63
N ILE B 274 -7.96 -26.47 5.41
CA ILE B 274 -8.25 -25.48 4.38
C ILE B 274 -9.66 -25.70 3.86
N ILE B 275 -10.50 -24.67 3.94
CA ILE B 275 -11.88 -24.75 3.49
C ILE B 275 -12.22 -23.54 2.61
N CYS B 276 -11.21 -22.79 2.20
CA CYS B 276 -11.40 -21.56 1.44
C CYS B 276 -10.61 -21.62 0.14
N GLY B 277 -10.92 -20.68 -0.75
CA GLY B 277 -10.39 -20.73 -2.10
C GLY B 277 -8.94 -20.25 -2.18
N ILE B 278 -8.35 -20.52 -3.34
CA ILE B 278 -6.96 -20.16 -3.63
C ILE B 278 -6.97 -18.96 -4.56
N THR B 279 -6.10 -17.98 -4.31
CA THR B 279 -6.05 -16.79 -5.12
C THR B 279 -4.84 -16.76 -6.05
N SER B 280 -3.75 -17.45 -5.70
CA SER B 280 -2.55 -17.43 -6.52
C SER B 280 -1.76 -18.69 -6.24
N VAL B 281 -0.90 -19.05 -7.20
CA VAL B 281 -0.01 -20.20 -7.05
C VAL B 281 1.30 -19.89 -7.76
N SER B 282 2.36 -20.56 -7.32
CA SER B 282 3.67 -20.42 -7.95
C SER B 282 4.51 -21.64 -7.61
N PHE B 283 5.21 -22.15 -8.62
CA PHE B 283 6.16 -23.23 -8.42
C PHE B 283 7.53 -22.64 -8.09
N SER B 284 8.27 -23.33 -7.23
CA SER B 284 9.62 -22.93 -6.93
C SER B 284 10.54 -23.30 -8.09
N LYS B 285 11.76 -22.75 -8.07
CA LYS B 285 12.66 -22.93 -9.20
C LYS B 285 12.86 -24.40 -9.54
N SER B 286 13.12 -25.24 -8.54
CA SER B 286 13.30 -26.66 -8.79
C SER B 286 12.00 -27.36 -9.15
N GLY B 287 10.85 -26.77 -8.85
CA GLY B 287 9.57 -27.40 -9.07
C GLY B 287 9.14 -28.35 -7.99
N ARG B 288 9.95 -28.55 -6.94
CA ARG B 288 9.56 -29.43 -5.85
C ARG B 288 8.54 -28.78 -4.93
N LEU B 289 8.58 -27.46 -4.80
CA LEU B 289 7.69 -26.74 -3.91
C LEU B 289 6.64 -25.99 -4.72
N LEU B 290 5.39 -26.12 -4.33
CA LEU B 290 4.29 -25.35 -4.90
C LEU B 290 3.72 -24.42 -3.85
N LEU B 291 3.81 -23.12 -4.09
CA LEU B 291 3.32 -22.13 -3.15
C LEU B 291 1.93 -21.68 -3.59
N ALA B 292 1.03 -21.49 -2.62
CA ALA B 292 -0.34 -21.10 -2.95
C ALA B 292 -0.89 -20.18 -1.88
N GLY B 293 -1.43 -19.04 -2.30
CA GLY B 293 -2.05 -18.10 -1.38
C GLY B 293 -3.54 -18.37 -1.26
N TYR B 294 -4.07 -18.20 -0.05
CA TYR B 294 -5.43 -18.58 0.28
C TYR B 294 -6.22 -17.39 0.79
N ASP B 295 -7.54 -17.57 0.82
CA ASP B 295 -8.44 -16.50 1.26
C ASP B 295 -8.34 -16.27 2.77
N ASP B 296 -7.77 -17.22 3.51
CA ASP B 296 -7.66 -17.11 4.96
C ASP B 296 -6.32 -16.51 5.34
N PHE B 297 -5.80 -15.62 4.50
CA PHE B 297 -4.57 -14.87 4.76
C PHE B 297 -3.46 -15.74 5.36
N ASN B 298 -3.07 -16.76 4.61
CA ASN B 298 -1.83 -17.48 4.87
C ASN B 298 -1.51 -18.34 3.67
N CYS B 299 -0.30 -18.17 3.14
CA CYS B 299 0.18 -18.94 2.01
C CYS B 299 0.68 -20.29 2.52
N ASN B 300 0.43 -21.33 1.74
CA ASN B 300 0.88 -22.67 2.08
C ASN B 300 1.88 -23.16 1.05
N VAL B 301 2.94 -23.78 1.53
CA VAL B 301 3.98 -24.37 0.70
C VAL B 301 3.80 -25.88 0.72
N TRP B 302 3.53 -26.44 -0.45
CA TRP B 302 3.18 -27.85 -0.63
C TRP B 302 4.33 -28.58 -1.27
N ASP B 303 4.64 -29.77 -0.77
CA ASP B 303 5.57 -30.67 -1.43
C ASP B 303 4.88 -31.17 -2.70
N ALA B 304 5.20 -30.58 -3.84
CA ALA B 304 4.46 -30.85 -5.06
C ALA B 304 4.47 -32.31 -5.47
N LEU B 305 5.45 -33.09 -5.00
CA LEU B 305 5.51 -34.50 -5.35
C LEU B 305 4.69 -35.37 -4.41
N LYS B 306 4.54 -34.96 -3.15
CA LYS B 306 3.82 -35.73 -2.15
C LYS B 306 2.59 -35.03 -1.61
N ALA B 307 2.38 -33.76 -1.93
CA ALA B 307 1.23 -32.99 -1.45
C ALA B 307 1.18 -32.96 0.07
N ASP B 308 2.35 -32.80 0.68
CA ASP B 308 2.45 -32.55 2.11
C ASP B 308 2.49 -31.06 2.36
N ARG B 309 1.73 -30.59 3.34
CA ARG B 309 1.68 -29.16 3.66
C ARG B 309 3.01 -28.82 4.33
N ALA B 310 4.03 -28.63 3.48
CA ALA B 310 5.39 -28.51 3.97
C ALA B 310 5.62 -27.28 4.82
N GLY B 311 4.94 -26.17 4.54
CA GLY B 311 5.18 -24.96 5.31
C GLY B 311 4.02 -23.99 5.20
N VAL B 312 4.07 -22.97 6.05
CA VAL B 312 3.06 -21.91 6.06
C VAL B 312 3.76 -20.57 6.19
N LEU B 313 3.47 -19.66 5.27
CA LEU B 313 3.95 -18.28 5.32
C LEU B 313 2.90 -17.37 5.92
N ALA B 314 2.57 -17.61 7.19
CA ALA B 314 1.51 -16.88 7.86
C ALA B 314 2.05 -15.55 8.36
N GLY B 315 1.86 -14.48 7.59
CA GLY B 315 2.30 -13.16 8.00
C GLY B 315 1.40 -12.03 7.55
N HIS B 316 0.22 -12.35 7.02
CA HIS B 316 -0.67 -11.35 6.44
C HIS B 316 -1.97 -11.27 7.23
N ASP B 317 -2.50 -10.05 7.37
CA ASP B 317 -3.74 -9.81 8.09
C ASP B 317 -4.98 -10.03 7.21
N ASN B 318 -4.98 -9.69 5.92
CA ASN B 318 -6.23 -9.71 5.09
C ASN B 318 -6.07 -10.66 3.92
N ARG B 319 -7.12 -11.10 3.24
CA ARG B 319 -7.00 -12.12 2.17
C ARG B 319 -5.72 -12.08 1.33
N VAL B 320 -4.91 -13.16 1.32
CA VAL B 320 -3.71 -13.20 0.47
C VAL B 320 -4.20 -13.03 -0.96
N SER B 321 -3.48 -12.29 -1.79
CA SER B 321 -3.92 -11.97 -3.15
C SER B 321 -3.02 -12.42 -4.31
N CYS B 322 -1.69 -12.21 -4.21
CA CYS B 322 -0.78 -12.58 -5.29
C CYS B 322 0.54 -13.02 -4.67
N LEU B 323 1.30 -13.80 -5.42
CA LEU B 323 2.64 -14.17 -4.98
C LEU B 323 3.46 -14.63 -6.18
N GLY B 324 4.77 -14.60 -6.00
CA GLY B 324 5.69 -15.00 -7.05
C GLY B 324 7.10 -15.26 -6.56
N VAL B 325 7.72 -16.31 -7.07
CA VAL B 325 9.11 -16.61 -6.74
C VAL B 325 10.01 -16.00 -7.79
N THR B 326 11.17 -15.48 -7.36
CA THR B 326 12.09 -14.86 -8.28
C THR B 326 12.53 -15.83 -9.35
N ASP B 327 12.93 -15.29 -10.51
CA ASP B 327 13.34 -16.14 -11.61
C ASP B 327 14.53 -17.03 -11.24
N ASP B 328 15.32 -16.63 -10.26
CA ASP B 328 16.42 -17.43 -9.74
C ASP B 328 16.03 -18.20 -8.48
N GLY B 329 14.76 -18.09 -8.05
CA GLY B 329 14.29 -18.83 -6.90
C GLY B 329 14.86 -18.43 -5.56
N MET B 330 15.44 -17.23 -5.46
CA MET B 330 16.09 -16.84 -4.22
C MET B 330 15.09 -16.46 -3.14
N ALA B 331 13.94 -15.92 -3.53
CA ALA B 331 12.94 -15.50 -2.56
C ALA B 331 11.56 -15.53 -3.20
N VAL B 332 10.54 -15.49 -2.35
CA VAL B 332 9.15 -15.47 -2.81
C VAL B 332 8.46 -14.26 -2.19
N ALA B 333 7.84 -13.44 -3.02
CA ALA B 333 7.07 -12.30 -2.54
C ALA B 333 5.60 -12.66 -2.51
N THR B 334 4.90 -12.18 -1.48
CA THR B 334 3.47 -12.36 -1.34
C THR B 334 2.84 -11.00 -1.03
N GLY B 335 1.93 -10.57 -1.89
CA GLY B 335 1.15 -9.38 -1.65
C GLY B 335 -0.28 -9.74 -1.30
N SER B 336 -0.85 -8.99 -0.36
CA SER B 336 -2.13 -9.33 0.23
C SER B 336 -2.99 -8.08 0.33
N TRP B 337 -4.26 -8.31 0.69
CA TRP B 337 -5.24 -7.23 0.69
C TRP B 337 -4.99 -6.20 1.78
N ASP B 338 -4.06 -6.44 2.71
CA ASP B 338 -3.72 -5.47 3.73
C ASP B 338 -2.71 -4.43 3.25
N SER B 339 -2.36 -4.45 1.96
CA SER B 339 -1.53 -3.43 1.34
C SER B 339 -0.05 -3.58 1.72
N PHE B 340 0.41 -4.80 1.98
CA PHE B 340 1.82 -5.07 2.24
C PHE B 340 2.27 -6.24 1.39
N LEU B 341 3.48 -6.12 0.84
CA LEU B 341 4.16 -7.23 0.18
C LEU B 341 5.29 -7.69 1.09
N LYS B 342 5.29 -8.96 1.43
CA LYS B 342 6.34 -9.54 2.26
C LYS B 342 7.18 -10.50 1.42
N ILE B 343 8.49 -10.38 1.54
CA ILE B 343 9.44 -11.22 0.83
C ILE B 343 9.97 -12.24 1.81
N TRP B 344 9.90 -13.52 1.42
CA TRP B 344 10.26 -14.63 2.29
C TRP B 344 11.41 -15.38 1.66
N ASN B 345 12.29 -15.92 2.50
CA ASN B 345 13.45 -16.67 2.05
C ASN B 345 13.87 -17.69 3.09
N ALA C 7 -27.29 -19.53 -37.24
CA ALA C 7 -28.21 -20.37 -36.42
C ALA C 7 -27.49 -20.92 -35.19
N SER C 8 -28.27 -21.40 -34.21
CA SER C 8 -27.68 -21.94 -33.00
C SER C 8 -26.80 -23.15 -33.30
N ILE C 9 -27.08 -23.86 -34.40
CA ILE C 9 -26.34 -25.08 -34.71
C ILE C 9 -24.84 -24.82 -34.70
N ALA C 10 -24.42 -23.62 -35.10
CA ALA C 10 -22.99 -23.30 -35.12
C ALA C 10 -22.34 -23.62 -33.80
N GLN C 11 -22.97 -23.24 -32.68
CA GLN C 11 -22.41 -23.58 -31.38
C GLN C 11 -22.16 -25.08 -31.27
N ALA C 12 -23.17 -25.90 -31.56
CA ALA C 12 -22.99 -27.34 -31.51
C ALA C 12 -21.85 -27.78 -32.40
N ARG C 13 -21.66 -27.11 -33.53
CA ARG C 13 -20.52 -27.41 -34.39
C ARG C 13 -19.21 -27.02 -33.69
N LYS C 14 -19.14 -25.79 -33.18
CA LYS C 14 -17.88 -25.29 -32.65
C LYS C 14 -17.36 -26.18 -31.52
N LEU C 15 -18.26 -26.87 -30.82
CA LEU C 15 -17.83 -27.84 -29.83
C LEU C 15 -17.11 -29.01 -30.49
N VAL C 16 -17.80 -29.72 -31.37
CA VAL C 16 -17.23 -30.95 -31.93
C VAL C 16 -15.95 -30.63 -32.69
N GLU C 17 -15.96 -29.57 -33.51
CA GLU C 17 -14.77 -29.23 -34.28
C GLU C 17 -13.56 -29.06 -33.38
N GLN C 18 -13.78 -28.66 -32.13
CA GLN C 18 -12.71 -28.63 -31.14
C GLN C 18 -12.53 -30.01 -30.50
N LEU C 19 -13.62 -30.59 -29.99
CA LEU C 19 -13.50 -31.85 -29.27
C LEU C 19 -12.83 -32.92 -30.11
N LYS C 20 -13.27 -33.05 -31.37
CA LYS C 20 -12.65 -34.04 -32.26
C LYS C 20 -11.14 -33.88 -32.29
N MET C 21 -10.63 -32.65 -32.44
CA MET C 21 -9.18 -32.43 -32.49
C MET C 21 -8.54 -32.90 -31.17
N GLU C 22 -9.19 -32.67 -30.04
CA GLU C 22 -8.66 -33.15 -28.77
C GLU C 22 -8.54 -34.67 -28.76
N ALA C 23 -9.46 -35.36 -29.44
CA ALA C 23 -9.42 -36.82 -29.49
C ALA C 23 -8.21 -37.33 -30.24
N ASN C 24 -7.59 -36.52 -31.11
CA ASN C 24 -6.44 -36.92 -31.89
C ASN C 24 -5.13 -36.38 -31.33
N ILE C 25 -5.14 -35.78 -30.15
CA ILE C 25 -3.92 -35.22 -29.59
C ILE C 25 -2.99 -36.34 -29.12
N ASP C 26 -1.74 -35.97 -28.86
CA ASP C 26 -0.76 -36.94 -28.41
C ASP C 26 -1.15 -37.52 -27.05
N ARG C 27 -0.71 -38.75 -26.80
CA ARG C 27 -1.09 -39.47 -25.59
C ARG C 27 0.10 -40.25 -25.07
N ILE C 28 0.32 -40.20 -23.77
CA ILE C 28 1.35 -40.99 -23.11
C ILE C 28 0.79 -41.48 -21.76
N LYS C 29 1.49 -42.44 -21.18
CA LYS C 29 1.09 -42.97 -19.89
C LYS C 29 1.48 -42.01 -18.77
N VAL C 30 0.58 -41.82 -17.81
CA VAL C 30 0.80 -40.83 -16.76
C VAL C 30 1.99 -41.20 -15.89
N SER C 31 2.36 -42.48 -15.87
CA SER C 31 3.55 -42.89 -15.12
C SER C 31 4.79 -42.20 -15.67
N LYS C 32 4.89 -42.10 -17.00
CA LYS C 32 6.01 -41.39 -17.61
C LYS C 32 6.00 -39.91 -17.22
N ALA C 33 4.81 -39.29 -17.21
CA ALA C 33 4.71 -37.90 -16.81
C ALA C 33 5.21 -37.71 -15.38
N ALA C 34 4.79 -38.59 -14.48
CA ALA C 34 5.25 -38.53 -13.10
C ALA C 34 6.76 -38.71 -13.02
N ALA C 35 7.30 -39.64 -13.81
CA ALA C 35 8.73 -39.90 -13.79
C ALA C 35 9.52 -38.67 -14.23
N ASP C 36 9.08 -38.01 -15.31
CA ASP C 36 9.76 -36.80 -15.75
C ASP C 36 9.65 -35.68 -14.73
N LEU C 37 8.47 -35.52 -14.12
CA LEU C 37 8.35 -34.49 -13.08
C LEU C 37 9.32 -34.75 -11.94
N MET C 38 9.36 -35.99 -11.45
CA MET C 38 10.24 -36.32 -10.34
C MET C 38 11.69 -36.10 -10.80
N ALA C 39 12.08 -36.53 -12.00
CA ALA C 39 13.45 -36.37 -12.48
C ALA C 39 13.85 -34.91 -12.52
N TYR C 40 12.98 -34.05 -13.04
CA TYR C 40 13.29 -32.62 -13.06
C TYR C 40 13.44 -32.10 -11.63
N CYS C 41 12.55 -32.50 -10.73
CA CYS C 41 12.64 -32.02 -9.35
C CYS C 41 13.96 -32.42 -8.70
N GLU C 42 14.38 -33.67 -8.88
CA GLU C 42 15.58 -34.13 -8.20
C GLU C 42 16.84 -33.58 -8.86
N ALA C 43 16.79 -33.37 -10.18
CA ALA C 43 17.97 -32.86 -10.88
C ALA C 43 18.33 -31.45 -10.42
N HIS C 44 17.32 -30.59 -10.24
CA HIS C 44 17.54 -29.19 -9.92
C HIS C 44 17.37 -28.89 -8.44
N ALA C 45 17.43 -29.91 -7.59
CA ALA C 45 17.24 -29.69 -6.15
C ALA C 45 18.27 -28.73 -5.59
N LYS C 46 19.51 -28.80 -6.07
CA LYS C 46 20.58 -27.94 -5.56
C LYS C 46 20.45 -26.50 -6.04
N GLU C 47 19.69 -26.25 -7.09
CA GLU C 47 19.52 -24.92 -7.66
C GLU C 47 18.39 -24.14 -7.01
N ASP C 48 17.78 -24.65 -5.95
CA ASP C 48 16.58 -24.06 -5.36
C ASP C 48 16.93 -23.46 -4.00
N PRO C 49 17.07 -22.13 -3.91
CA PRO C 49 17.34 -21.51 -2.61
C PRO C 49 16.25 -21.69 -1.58
N LEU C 50 15.01 -21.99 -1.98
CA LEU C 50 13.92 -22.20 -1.03
C LEU C 50 13.85 -23.64 -0.53
N LEU C 51 14.01 -24.61 -1.42
CA LEU C 51 14.07 -26.00 -0.98
C LEU C 51 15.33 -26.27 -0.19
N THR C 52 16.47 -25.75 -0.65
CA THR C 52 17.76 -25.89 0.03
C THR C 52 18.26 -24.50 0.38
N PRO C 53 17.95 -24.01 1.59
CA PRO C 53 18.37 -22.64 1.94
C PRO C 53 19.87 -22.46 1.79
N VAL C 54 20.25 -21.32 1.22
CA VAL C 54 21.65 -20.98 1.00
C VAL C 54 22.18 -20.28 2.25
N PRO C 55 23.49 -20.33 2.52
CA PRO C 55 24.03 -19.59 3.65
C PRO C 55 23.99 -18.09 3.41
N ALA C 56 24.08 -17.33 4.51
CA ALA C 56 24.01 -15.88 4.42
C ALA C 56 25.08 -15.32 3.50
N SER C 57 26.20 -16.03 3.32
CA SER C 57 27.24 -15.57 2.43
C SER C 57 26.71 -15.41 1.00
N GLU C 58 25.71 -16.21 0.63
CA GLU C 58 25.13 -16.16 -0.70
C GLU C 58 23.77 -15.48 -0.74
N ASN C 59 23.08 -15.40 0.38
CA ASN C 59 21.73 -14.84 0.40
C ASN C 59 21.78 -13.33 0.13
N PRO C 60 21.11 -12.83 -0.91
CA PRO C 60 21.10 -11.38 -1.13
C PRO C 60 20.13 -10.64 -0.24
N PHE C 61 19.09 -11.30 0.24
CA PHE C 61 18.18 -10.71 1.22
C PHE C 61 18.73 -10.88 2.63
N ARG C 62 19.89 -10.27 2.85
CA ARG C 62 20.62 -10.43 4.10
C ARG C 62 19.79 -9.91 5.27
N GLU C 63 19.87 -10.62 6.38
CA GLU C 63 19.01 -10.30 7.53
C GLU C 63 19.26 -8.87 8.00
N LYS C 64 18.19 -8.19 8.37
CA LYS C 64 18.27 -6.82 8.87
C LYS C 64 17.31 -6.63 10.03
N ASN D 18 8.51 13.13 60.91
CA ASN D 18 8.67 13.62 59.51
C ASN D 18 7.87 12.78 58.54
N PHE D 19 8.19 11.49 58.47
CA PHE D 19 7.59 10.57 57.51
C PHE D 19 6.50 9.71 58.11
N SER D 20 5.73 10.25 59.06
CA SER D 20 4.61 9.55 59.68
C SER D 20 3.32 10.27 59.33
N CYS D 21 2.38 9.55 58.72
CA CYS D 21 1.08 10.10 58.33
C CYS D 21 -0.05 9.55 59.19
N TYR D 22 0.23 9.16 60.43
CA TYR D 22 -0.80 8.59 61.29
C TYR D 22 -1.90 9.61 61.52
N HIS D 23 -3.12 9.11 61.63
CA HIS D 23 -4.31 9.97 61.76
C HIS D 23 -4.15 10.96 62.89
N GLU D 24 -4.38 12.24 62.59
CA GLU D 24 -4.62 13.21 63.66
C GLU D 24 -5.98 12.96 64.29
N SER D 25 -6.99 12.71 63.46
CA SER D 25 -8.29 12.23 63.91
C SER D 25 -8.48 10.82 63.35
N VAL D 26 -8.48 9.83 64.23
CA VAL D 26 -8.52 8.44 63.82
C VAL D 26 -9.90 8.13 63.25
N LEU D 27 -9.93 7.60 62.02
CA LEU D 27 -11.17 7.22 61.37
C LEU D 27 -11.12 5.87 60.67
N GLY D 28 -9.94 5.28 60.47
CA GLY D 28 -9.84 3.98 59.87
C GLY D 28 -10.24 3.90 58.41
N TYR D 29 -10.16 5.01 57.67
CA TYR D 29 -10.43 4.98 56.23
C TYR D 29 -9.34 4.27 55.46
N ARG D 30 -8.12 4.20 56.02
CA ARG D 30 -6.97 3.77 55.25
C ARG D 30 -7.17 2.40 54.62
N TYR D 31 -7.81 1.47 55.33
CA TYR D 31 -8.00 0.15 54.74
C TYR D 31 -8.75 0.24 53.42
N VAL D 32 -9.83 1.02 53.38
CA VAL D 32 -10.53 1.23 52.11
C VAL D 32 -9.56 1.78 51.08
N ALA D 33 -8.76 2.78 51.47
CA ALA D 33 -7.76 3.32 50.55
C ALA D 33 -6.86 2.21 50.03
N VAL D 34 -6.46 1.28 50.91
CA VAL D 34 -5.70 0.13 50.44
C VAL D 34 -6.54 -0.69 49.48
N SER D 35 -7.77 -1.03 49.87
CA SER D 35 -8.61 -1.85 49.03
C SER D 35 -8.76 -1.23 47.65
N TRP D 36 -9.43 -0.07 47.57
CA TRP D 36 -9.50 0.65 46.31
C TRP D 36 -8.14 0.68 45.64
N GLY D 37 -7.09 0.98 46.41
CA GLY D 37 -5.76 1.06 45.83
C GLY D 37 -5.41 -0.18 45.04
N VAL D 38 -5.51 -1.36 45.68
CA VAL D 38 -5.09 -2.56 44.97
C VAL D 38 -5.93 -2.75 43.73
N VAL D 39 -7.20 -2.35 43.77
CA VAL D 39 -8.04 -2.45 42.58
C VAL D 39 -7.41 -1.67 41.43
N VAL D 40 -7.06 -0.41 41.69
CA VAL D 40 -6.45 0.41 40.65
C VAL D 40 -5.14 -0.21 40.20
N ALA D 41 -4.49 -0.97 41.10
CA ALA D 41 -3.27 -1.66 40.72
C ALA D 41 -3.55 -2.76 39.72
N VAL D 42 -4.63 -3.52 39.94
CA VAL D 42 -4.91 -4.65 39.04
C VAL D 42 -5.61 -4.17 37.78
N THR D 43 -6.78 -3.56 37.93
CA THR D 43 -7.58 -3.19 36.76
C THR D 43 -6.82 -2.21 35.87
N GLY D 44 -6.15 -1.23 36.47
CA GLY D 44 -5.33 -0.34 35.68
C GLY D 44 -4.21 -1.04 34.95
N THR D 45 -3.56 -2.02 35.60
CA THR D 45 -2.46 -2.67 34.92
C THR D 45 -2.99 -3.51 33.78
N VAL D 46 -3.81 -4.55 33.98
CA VAL D 46 -4.24 -5.40 32.87
C VAL D 46 -4.77 -4.55 31.74
N GLY D 47 -5.78 -3.73 32.03
CA GLY D 47 -6.40 -2.94 30.99
C GLY D 47 -5.39 -2.15 30.19
N ASN D 48 -4.39 -1.57 30.87
CA ASN D 48 -3.39 -0.81 30.15
C ASN D 48 -2.46 -1.72 29.36
N VAL D 49 -1.95 -2.78 29.98
CA VAL D 49 -0.97 -3.60 29.29
C VAL D 49 -1.60 -4.24 28.06
N LEU D 50 -2.80 -4.78 28.20
CA LEU D 50 -3.54 -5.25 27.03
C LEU D 50 -3.59 -4.17 25.97
N THR D 51 -3.99 -2.96 26.36
CA THR D 51 -4.10 -1.87 25.40
C THR D 51 -2.80 -1.69 24.62
N LEU D 52 -1.67 -1.86 25.30
CA LEU D 52 -0.39 -1.73 24.58
C LEU D 52 -0.15 -2.93 23.68
N LEU D 53 -0.37 -4.15 24.18
CA LEU D 53 -0.11 -5.33 23.36
C LEU D 53 -0.96 -5.30 22.10
N ALA D 54 -2.20 -4.81 22.21
CA ALA D 54 -3.03 -4.62 21.02
C ALA D 54 -2.41 -3.61 20.08
N LEU D 55 -1.95 -2.48 20.62
CA LEU D 55 -1.46 -1.40 19.76
C LEU D 55 -0.07 -1.71 19.20
N ALA D 56 0.81 -2.29 20.00
CA ALA D 56 2.18 -2.53 19.55
C ALA D 56 2.22 -3.63 18.50
N ILE D 57 1.46 -4.71 18.71
CA ILE D 57 1.52 -5.85 17.80
C ILE D 57 0.95 -5.46 16.43
N GLN D 58 -0.15 -4.72 16.41
CA GLN D 58 -0.84 -4.43 15.16
C GLN D 58 -0.38 -3.08 14.60
N PRO D 59 0.49 -3.07 13.58
CA PRO D 59 0.88 -1.78 13.00
C PRO D 59 -0.29 -1.01 12.40
N LYS D 60 -1.29 -1.71 11.86
CA LYS D 60 -2.45 -1.02 11.30
C LYS D 60 -3.22 -0.28 12.39
N LEU D 61 -3.17 -0.77 13.63
CA LEU D 61 -3.88 -0.12 14.73
C LEU D 61 -3.19 1.15 15.20
N ARG D 62 -1.94 1.36 14.82
CA ARG D 62 -1.20 2.54 15.26
C ARG D 62 -1.46 3.72 14.34
N THR D 63 -2.73 4.10 14.19
CA THR D 63 -3.06 5.27 13.40
C THR D 63 -2.60 6.54 14.13
N ARG D 64 -2.57 7.64 13.39
CA ARG D 64 -2.17 8.91 13.99
C ARG D 64 -3.01 9.24 15.21
N PHE D 65 -4.32 8.96 15.17
CA PHE D 65 -5.17 9.22 16.33
C PHE D 65 -4.84 8.28 17.47
N ASN D 66 -4.72 6.98 17.19
CA ASN D 66 -4.56 6.00 18.25
C ASN D 66 -3.26 6.21 19.04
N LEU D 67 -2.31 6.99 18.50
CA LEU D 67 -1.10 7.27 19.25
C LEU D 67 -1.39 8.12 20.48
N LEU D 68 -2.40 8.99 20.41
CA LEU D 68 -2.81 9.74 21.60
C LEU D 68 -3.30 8.81 22.69
N ILE D 69 -4.14 7.84 22.32
CA ILE D 69 -4.60 6.86 23.30
C ILE D 69 -3.43 6.04 23.81
N ALA D 70 -2.46 5.76 22.94
CA ALA D 70 -1.28 5.02 23.38
C ALA D 70 -0.49 5.80 24.42
N ASN D 71 -0.32 7.10 24.21
CA ASN D 71 0.42 7.92 25.17
C ASN D 71 -0.34 8.00 26.49
N LEU D 72 -1.65 8.20 26.43
CA LEU D 72 -2.46 8.14 27.65
C LEU D 72 -2.29 6.80 28.34
N THR D 73 -2.28 5.71 27.57
CA THR D 73 -2.17 4.38 28.15
C THR D 73 -0.83 4.20 28.85
N LEU D 74 0.24 4.72 28.23
CA LEU D 74 1.57 4.59 28.80
C LEU D 74 1.67 5.38 30.09
N ALA D 75 1.05 6.56 30.11
CA ALA D 75 1.02 7.36 31.34
C ALA D 75 0.27 6.64 32.46
N ASP D 76 -0.91 6.11 32.15
CA ASP D 76 -1.67 5.40 33.18
C ASP D 76 -0.93 4.15 33.64
N LEU D 77 -0.22 3.49 32.72
CA LEU D 77 0.60 2.35 33.09
C LEU D 77 1.70 2.77 34.05
N LEU D 78 2.39 3.87 33.75
CA LEU D 78 3.41 4.39 34.64
C LEU D 78 2.83 4.60 36.04
N TYR D 79 1.65 5.19 36.11
CA TYR D 79 1.05 5.41 37.43
C TYR D 79 0.70 4.10 38.11
N CYS D 80 0.01 3.20 37.40
CA CYS D 80 -0.61 2.06 38.05
C CYS D 80 0.41 1.01 38.47
N THR D 81 1.38 0.70 37.60
CA THR D 81 2.37 -0.30 37.97
C THR D 81 3.34 0.21 39.04
N LEU D 82 4.09 1.26 38.72
CA LEU D 82 5.20 1.64 39.58
C LEU D 82 4.73 2.41 40.81
N LEU D 83 3.96 3.49 40.59
CA LEU D 83 3.59 4.40 41.68
C LEU D 83 2.45 3.92 42.57
N GLN D 84 1.39 3.39 42.00
CA GLN D 84 0.21 3.02 42.79
C GLN D 84 0.56 2.08 43.94
N PRO D 85 1.40 1.06 43.76
CA PRO D 85 1.75 0.22 44.91
C PRO D 85 2.34 0.99 46.08
N PHE D 86 3.14 2.00 45.80
CA PHE D 86 3.72 2.76 46.91
C PHE D 86 2.69 3.59 47.64
N SER D 87 1.43 3.56 47.21
CA SER D 87 0.33 4.16 47.95
C SER D 87 -0.55 3.12 48.63
N VAL D 88 -0.65 1.90 48.09
CA VAL D 88 -1.33 0.83 48.82
C VAL D 88 -0.43 0.53 50.01
N ASP D 89 0.88 0.46 49.76
CA ASP D 89 1.85 0.60 50.83
C ASP D 89 1.96 2.08 51.21
N THR D 90 2.40 2.32 52.45
CA THR D 90 2.43 3.67 53.02
C THR D 90 1.02 4.14 53.38
N TYR D 91 0.01 3.36 53.02
CA TYR D 91 -1.30 3.50 53.64
C TYR D 91 -1.53 2.41 54.66
N LEU D 92 -0.96 1.22 54.40
CA LEU D 92 -1.06 0.13 55.35
C LEU D 92 -0.31 0.46 56.64
N HIS D 93 0.93 0.93 56.52
CA HIS D 93 1.73 1.30 57.68
C HIS D 93 1.42 2.70 58.18
N LEU D 94 0.69 3.51 57.41
CA LEU D 94 0.54 4.94 57.71
C LEU D 94 1.91 5.59 57.84
N HIS D 95 2.90 5.05 57.11
CA HIS D 95 4.28 5.49 57.23
C HIS D 95 5.01 5.17 55.93
N TRP D 96 5.82 6.12 55.47
CA TRP D 96 6.60 5.92 54.27
C TRP D 96 7.70 4.89 54.53
N ARG D 97 7.60 3.73 53.88
CA ARG D 97 8.52 2.62 54.11
C ARG D 97 9.77 2.68 53.24
N THR D 98 9.71 3.35 52.09
CA THR D 98 10.83 3.37 51.17
C THR D 98 11.75 4.54 51.48
N GLY D 99 12.72 4.79 50.61
CA GLY D 99 13.72 5.80 50.88
C GLY D 99 13.13 7.20 50.88
N ALA D 100 13.73 8.08 51.69
CA ALA D 100 13.29 9.47 51.74
C ALA D 100 13.62 10.23 50.46
N THR D 101 14.70 9.86 49.77
CA THR D 101 15.01 10.50 48.50
C THR D 101 14.10 9.99 47.39
N PHE D 102 13.70 8.72 47.46
CA PHE D 102 12.76 8.19 46.48
C PHE D 102 11.38 8.83 46.63
N CYS D 103 11.14 9.52 47.75
CA CYS D 103 9.89 10.25 47.91
C CYS D 103 9.74 11.35 46.86
N ARG D 104 10.81 12.10 46.63
CA ARG D 104 10.75 13.18 45.65
C ARG D 104 10.57 12.60 44.26
N VAL D 105 11.28 11.53 43.94
CA VAL D 105 11.12 10.87 42.65
C VAL D 105 9.67 10.41 42.48
N PHE D 106 9.11 9.81 43.54
CA PHE D 106 7.74 9.33 43.48
C PHE D 106 6.77 10.46 43.21
N GLY D 107 6.89 11.56 43.96
CA GLY D 107 5.98 12.68 43.76
C GLY D 107 6.10 13.27 42.36
N LEU D 108 7.34 13.47 41.92
CA LEU D 108 7.57 14.01 40.58
C LEU D 108 6.86 13.12 39.58
N LEU D 109 7.20 11.84 39.58
CA LEU D 109 6.65 10.91 38.60
C LEU D 109 5.12 10.88 38.66
N LEU D 110 4.57 10.89 39.88
CA LEU D 110 3.12 10.85 40.05
C LEU D 110 2.46 12.04 39.36
N PHE D 111 2.93 13.25 39.67
CA PHE D 111 2.28 14.42 39.10
C PHE D 111 2.56 14.53 37.62
N ALA D 112 3.74 14.07 37.17
CA ALA D 112 4.03 14.06 35.73
C ALA D 112 3.06 13.14 35.01
N SER D 113 2.82 11.95 35.56
CA SER D 113 1.92 11.01 34.92
C SER D 113 0.50 11.55 34.88
N ASN D 114 0.05 12.20 35.96
CA ASN D 114 -1.33 12.69 36.02
C ASN D 114 -1.47 13.85 35.04
N SER D 115 -0.45 14.71 34.92
CA SER D 115 -0.47 15.77 33.93
C SER D 115 -0.47 15.23 32.50
N VAL D 116 0.33 14.20 32.23
CA VAL D 116 0.34 13.61 30.89
C VAL D 116 -1.03 13.03 30.57
N SER D 117 -1.65 12.37 31.55
CA SER D 117 -2.98 11.81 31.32
C SER D 117 -3.99 12.91 30.99
N ILE D 118 -3.98 14.00 31.75
CA ILE D 118 -4.92 15.09 31.51
C ILE D 118 -4.70 15.68 30.12
N LEU D 119 -3.44 15.93 29.77
CA LEU D 119 -3.15 16.55 28.48
C LEU D 119 -3.51 15.61 27.33
N THR D 120 -3.28 14.31 27.51
CA THR D 120 -3.70 13.35 26.50
C THR D 120 -5.21 13.31 26.36
N LEU D 121 -5.94 13.42 27.47
CA LEU D 121 -7.40 13.46 27.38
C LEU D 121 -7.86 14.69 26.59
N CYS D 122 -7.24 15.84 26.84
CA CYS D 122 -7.59 17.03 26.08
C CYS D 122 -7.25 16.85 24.60
N LEU D 123 -6.09 16.29 24.31
CA LEU D 123 -5.69 16.09 22.92
C LEU D 123 -6.61 15.12 22.21
N ILE D 124 -7.08 14.08 22.92
CA ILE D 124 -8.00 13.12 22.31
C ILE D 124 -9.34 13.78 22.05
N ALA D 125 -9.81 14.63 22.95
CA ALA D 125 -11.05 15.37 22.68
C ALA D 125 -10.89 16.24 21.44
N LEU D 126 -9.77 16.95 21.33
CA LEU D 126 -9.52 17.78 20.15
C LEU D 126 -9.46 16.92 18.89
N GLY D 127 -8.80 15.77 18.98
CA GLY D 127 -8.70 14.91 17.81
C GLY D 127 -10.04 14.39 17.36
N ARG D 128 -10.88 13.99 18.31
CA ARG D 128 -12.22 13.53 17.96
C ARG D 128 -13.02 14.64 17.30
N TYR D 129 -12.96 15.85 17.86
CA TYR D 129 -13.68 16.96 17.24
C TYR D 129 -13.16 17.23 15.83
N LEU D 130 -11.85 17.19 15.63
CA LEU D 130 -11.30 17.43 14.30
C LEU D 130 -11.74 16.35 13.33
N LEU D 131 -11.70 15.08 13.75
CA LEU D 131 -12.15 14.01 12.89
C LEU D 131 -13.61 14.15 12.50
N ILE D 132 -14.47 14.54 13.43
CA ILE D 132 -15.91 14.58 13.21
C ILE D 132 -16.33 15.85 12.48
N ALA D 133 -16.11 17.01 13.09
CA ALA D 133 -16.61 18.25 12.51
C ALA D 133 -15.79 18.74 11.33
N HIS D 134 -14.47 18.56 11.36
CA HIS D 134 -13.58 19.05 10.31
C HIS D 134 -12.62 17.94 9.88
N PRO D 135 -13.13 16.93 9.17
CA PRO D 135 -12.25 15.82 8.78
C PRO D 135 -11.06 16.25 7.96
N LYS D 136 -11.19 17.32 7.17
CA LYS D 136 -10.09 17.79 6.34
C LYS D 136 -8.92 18.32 7.16
N LEU D 137 -9.16 18.75 8.40
CA LEU D 137 -8.11 19.39 9.20
C LEU D 137 -7.28 18.38 9.97
N PHE D 138 -7.87 17.25 10.37
CA PHE D 138 -7.17 16.31 11.24
C PHE D 138 -5.84 15.83 10.68
N PRO D 139 -5.75 15.34 9.44
CA PRO D 139 -4.44 14.90 8.93
C PRO D 139 -3.41 16.02 8.85
N GLN D 140 -3.84 17.28 8.79
CA GLN D 140 -2.89 18.38 8.82
C GLN D 140 -2.39 18.65 10.23
N VAL D 141 -3.30 18.83 11.18
CA VAL D 141 -2.91 19.10 12.56
C VAL D 141 -2.11 17.94 13.13
N PHE D 142 -2.58 16.71 12.90
CA PHE D 142 -1.97 15.51 13.47
C PHE D 142 -1.18 14.75 12.43
N SER D 143 -0.50 15.49 11.55
CA SER D 143 0.38 14.88 10.57
C SER D 143 1.52 14.14 11.26
N ALA D 144 2.38 13.52 10.45
CA ALA D 144 3.51 12.78 11.00
C ALA D 144 4.32 13.63 11.96
N LYS D 145 4.55 14.89 11.62
CA LYS D 145 5.26 15.80 12.51
C LYS D 145 4.40 16.21 13.69
N GLY D 146 3.13 16.54 13.43
CA GLY D 146 2.27 17.05 14.49
C GLY D 146 2.01 16.02 15.58
N ILE D 147 1.80 14.76 15.19
CA ILE D 147 1.49 13.73 16.17
C ILE D 147 2.65 13.55 17.15
N VAL D 148 3.88 13.44 16.64
CA VAL D 148 5.02 13.27 17.52
C VAL D 148 5.28 14.54 18.32
N LEU D 149 5.06 15.71 17.71
CA LEU D 149 5.19 16.94 18.45
C LEU D 149 4.27 16.96 19.66
N ALA D 150 3.00 16.59 19.45
CA ALA D 150 2.05 16.55 20.57
C ALA D 150 2.46 15.51 21.60
N LEU D 151 2.86 14.32 21.14
CA LEU D 151 3.18 13.24 22.07
C LEU D 151 4.36 13.59 22.95
N VAL D 152 5.37 14.27 22.42
CA VAL D 152 6.52 14.64 23.21
C VAL D 152 6.23 15.90 24.02
N SER D 153 5.40 16.80 23.49
CA SER D 153 5.09 18.02 24.21
C SER D 153 4.28 17.75 25.46
N THR D 154 3.42 16.73 25.44
CA THR D 154 2.69 16.37 26.66
C THR D 154 3.66 16.06 27.80
N TRP D 155 4.61 15.15 27.55
CA TRP D 155 5.58 14.79 28.58
C TRP D 155 6.47 15.98 28.95
N VAL D 156 6.88 16.76 27.95
CA VAL D 156 7.74 17.91 28.22
C VAL D 156 7.05 18.90 29.14
N VAL D 157 5.79 19.21 28.84
CA VAL D 157 5.04 20.15 29.66
C VAL D 157 4.84 19.58 31.06
N GLY D 158 4.52 18.28 31.17
CA GLY D 158 4.37 17.68 32.48
C GLY D 158 5.65 17.84 33.31
N VAL D 159 6.78 17.43 32.75
CA VAL D 159 8.04 17.46 33.49
C VAL D 159 8.41 18.90 33.86
N ALA D 160 8.31 19.81 32.89
CA ALA D 160 8.65 21.20 33.18
C ALA D 160 7.75 21.79 34.25
N SER D 161 6.44 21.49 34.17
CA SER D 161 5.47 21.98 35.15
C SER D 161 5.73 21.43 36.54
N PHE D 162 6.14 20.20 36.68
CA PHE D 162 6.26 19.57 37.98
C PHE D 162 7.68 19.20 38.38
N ALA D 163 8.67 19.48 37.54
CA ALA D 163 10.06 19.38 37.99
C ALA D 163 10.40 20.39 39.08
N PRO D 164 10.06 21.68 38.96
CA PRO D 164 10.59 22.67 39.92
C PRO D 164 10.19 22.43 41.36
N LEU D 165 9.14 21.66 41.65
CA LEU D 165 8.78 21.39 43.03
C LEU D 165 9.64 20.32 43.68
N TRP D 166 10.81 20.02 43.11
CA TRP D 166 11.66 18.95 43.64
C TRP D 166 11.90 19.07 45.14
N PRO D 167 12.26 20.22 45.70
CA PRO D 167 12.45 20.31 47.15
C PRO D 167 11.15 20.27 47.94
N ILE D 168 10.00 20.40 47.28
CA ILE D 168 8.72 20.48 47.98
C ILE D 168 8.04 19.12 48.13
N TYR D 169 8.53 18.08 47.47
CA TYR D 169 7.91 16.77 47.56
C TYR D 169 8.26 16.11 48.88
N ILE D 170 7.24 15.91 49.73
CA ILE D 170 7.39 15.26 51.02
C ILE D 170 6.19 14.36 51.26
N LEU D 171 6.22 13.62 52.36
CA LEU D 171 5.11 12.77 52.74
C LEU D 171 4.00 13.61 53.38
N VAL D 172 3.13 14.18 52.56
CA VAL D 172 2.05 15.04 53.06
C VAL D 172 1.14 14.21 53.95
N PRO D 173 0.96 14.58 55.23
CA PRO D 173 0.17 13.72 56.12
C PRO D 173 -1.28 13.58 55.70
N VAL D 174 -1.86 14.62 55.11
CA VAL D 174 -3.30 14.62 54.82
C VAL D 174 -3.63 13.71 53.65
N VAL D 175 -2.61 13.15 53.00
CA VAL D 175 -2.80 12.20 51.91
C VAL D 175 -2.08 10.88 52.14
N CYS D 176 -1.22 10.79 53.15
CA CYS D 176 -0.51 9.55 53.48
C CYS D 176 0.29 9.03 52.28
N THR D 177 0.63 9.89 51.34
CA THR D 177 1.49 9.52 50.23
C THR D 177 2.37 10.71 49.88
N CYS D 178 3.47 10.43 49.20
CA CYS D 178 4.46 11.45 48.91
C CYS D 178 4.01 12.32 47.75
N SER D 179 3.90 13.62 48.00
CA SER D 179 3.48 14.58 46.97
C SER D 179 3.95 15.96 47.41
N PHE D 180 3.54 16.98 46.67
CA PHE D 180 4.00 18.34 46.95
C PHE D 180 3.39 18.85 48.25
N ASP D 181 4.23 19.37 49.16
CA ASP D 181 3.75 20.03 50.38
C ASP D 181 2.79 21.15 49.98
N ARG D 182 1.65 21.25 50.64
CA ARG D 182 0.62 22.22 50.28
C ARG D 182 0.97 23.63 50.71
N ILE D 183 1.51 23.79 51.93
CA ILE D 183 1.59 25.12 52.53
C ILE D 183 2.61 26.00 51.82
N ARG D 184 3.81 25.47 51.54
CA ARG D 184 4.90 26.31 51.06
C ARG D 184 4.97 26.40 49.54
N GLY D 185 4.48 25.41 48.82
CA GLY D 185 4.40 25.48 47.37
C GLY D 185 3.11 26.06 46.85
N ARG D 186 2.26 26.53 47.77
CA ARG D 186 0.94 27.01 47.38
C ARG D 186 0.80 27.89 46.11
N PRO D 187 1.55 29.02 45.93
CA PRO D 187 1.23 29.89 44.78
C PRO D 187 1.40 29.19 43.44
N TYR D 188 2.60 28.69 43.16
CA TYR D 188 2.86 28.10 41.84
C TYR D 188 2.04 26.83 41.63
N THR D 189 1.96 25.98 42.66
CA THR D 189 1.20 24.75 42.51
C THR D 189 -0.29 25.04 42.32
N THR D 190 -0.82 26.04 43.02
CA THR D 190 -2.22 26.39 42.87
C THR D 190 -2.49 26.97 41.48
N ILE D 191 -1.56 27.78 40.97
CA ILE D 191 -1.73 28.31 39.62
C ILE D 191 -1.70 27.17 38.60
N LEU D 192 -0.77 26.22 38.78
CA LEU D 192 -0.71 25.07 37.90
C LEU D 192 -2.00 24.27 37.94
N MET D 193 -2.53 24.06 39.15
CA MET D 193 -3.75 23.30 39.32
C MET D 193 -4.93 24.00 38.67
N GLY D 194 -5.02 25.32 38.83
CA GLY D 194 -6.09 26.05 38.17
C GLY D 194 -5.98 26.00 36.66
N ILE D 195 -4.77 26.13 36.14
CA ILE D 195 -4.55 26.02 34.70
C ILE D 195 -5.04 24.67 34.21
N TYR D 196 -4.64 23.60 34.89
CA TYR D 196 -5.03 22.26 34.46
C TYR D 196 -6.54 22.06 34.57
N PHE D 197 -7.15 22.54 35.66
CA PHE D 197 -8.60 22.42 35.81
C PHE D 197 -9.33 23.10 34.67
N VAL D 198 -9.01 24.37 34.43
CA VAL D 198 -9.69 25.10 33.37
C VAL D 198 -9.45 24.42 32.03
N LEU D 199 -8.20 24.09 31.74
CA LEU D 199 -7.86 23.51 30.44
C LEU D 199 -8.62 22.21 30.22
N GLY D 200 -8.55 21.28 31.16
CA GLY D 200 -9.20 20.00 31.03
C GLY D 200 -10.71 20.10 30.94
N LEU D 201 -11.34 20.80 31.89
CA LEU D 201 -12.78 20.92 31.84
C LEU D 201 -13.25 21.57 30.55
N SER D 202 -12.68 22.72 30.21
CA SER D 202 -13.11 23.41 28.98
C SER D 202 -12.91 22.51 27.76
N SER D 203 -11.73 21.94 27.61
CA SER D 203 -11.46 21.14 26.41
C SER D 203 -12.44 19.98 26.31
N VAL D 204 -12.53 19.15 27.34
CA VAL D 204 -13.36 17.96 27.26
C VAL D 204 -14.81 18.35 27.03
N GLY D 205 -15.35 19.24 27.89
CA GLY D 205 -16.76 19.58 27.78
C GLY D 205 -17.10 20.20 26.43
N ILE D 206 -16.34 21.22 26.02
CA ILE D 206 -16.65 21.90 24.77
C ILE D 206 -16.54 20.94 23.60
N PHE D 207 -15.43 20.20 23.50
CA PHE D 207 -15.24 19.35 22.34
C PHE D 207 -16.31 18.28 22.25
N TYR D 208 -16.67 17.65 23.37
CA TYR D 208 -17.68 16.60 23.28
C TYR D 208 -19.09 17.14 23.10
N CYS D 209 -19.41 18.30 23.68
CA CYS D 209 -20.68 18.94 23.38
C CYS D 209 -20.78 19.26 21.90
N LEU D 210 -19.68 19.76 21.31
CA LEU D 210 -19.70 20.11 19.89
C LEU D 210 -19.79 18.87 19.02
N ILE D 211 -19.16 17.76 19.43
CA ILE D 211 -19.27 16.52 18.68
C ILE D 211 -20.73 16.05 18.68
N HIS D 212 -21.35 16.04 19.86
CA HIS D 212 -22.76 15.64 19.92
C HIS D 212 -23.62 16.56 19.08
N ARG D 213 -23.35 17.86 19.12
CA ARG D 213 -24.14 18.80 18.34
C ARG D 213 -23.98 18.52 16.84
N GLN D 214 -22.74 18.24 16.42
CA GLN D 214 -22.50 17.95 15.02
C GLN D 214 -23.27 16.71 14.57
N VAL D 215 -23.23 15.65 15.39
CA VAL D 215 -23.94 14.42 15.04
C VAL D 215 -25.44 14.69 14.97
N LYS D 216 -25.97 15.42 15.94
CA LYS D 216 -27.39 15.72 15.95
C LYS D 216 -27.79 16.53 14.73
N ARG D 217 -26.98 17.53 14.36
CA ARG D 217 -27.27 18.32 13.18
C ARG D 217 -27.26 17.45 11.93
N ALA D 218 -26.27 16.57 11.82
CA ALA D 218 -26.17 15.72 10.64
C ALA D 218 -27.40 14.81 10.51
N ALA D 219 -27.85 14.22 11.61
CA ALA D 219 -29.01 13.34 11.56
C ALA D 219 -30.28 14.13 11.28
N GLN D 220 -30.44 15.29 11.94
CA GLN D 220 -31.67 16.06 11.80
C GLN D 220 -31.83 16.60 10.38
N ALA D 221 -30.74 17.07 9.78
CA ALA D 221 -30.83 17.58 8.41
C ALA D 221 -31.28 16.49 7.45
N LEU D 222 -30.83 15.27 7.67
CA LEU D 222 -31.21 14.17 6.80
C LEU D 222 -32.64 13.76 7.04
N ASP D 223 -33.10 13.82 8.29
CA ASP D 223 -34.46 13.37 8.61
C ASP D 223 -35.55 14.15 7.89
N GLN D 224 -35.20 15.27 7.27
CA GLN D 224 -36.21 16.09 6.60
C GLN D 224 -36.87 15.35 5.44
N TYR D 225 -36.15 14.42 4.81
CA TYR D 225 -36.66 13.74 3.62
C TYR D 225 -37.62 12.60 3.95
N LYS D 226 -37.80 12.26 5.22
CA LYS D 226 -38.65 11.13 5.57
C LYS D 226 -40.08 11.37 5.10
N LEU D 227 -40.67 10.36 4.49
CA LEU D 227 -42.04 10.45 3.97
C LEU D 227 -43.05 10.44 5.11
N GLY D 325 -27.49 8.98 19.23
CA GLY D 325 -27.76 7.72 19.87
C GLY D 325 -26.85 7.46 21.07
N LYS D 326 -26.04 6.40 20.97
CA LYS D 326 -25.08 6.10 22.03
C LYS D 326 -23.91 7.07 22.04
N VAL D 327 -23.79 7.94 21.04
CA VAL D 327 -22.77 8.97 21.06
C VAL D 327 -22.99 9.89 22.26
N THR D 328 -24.24 10.24 22.53
CA THR D 328 -24.55 11.03 23.72
C THR D 328 -24.14 10.30 24.98
N ARG D 329 -24.41 9.00 25.05
CA ARG D 329 -24.02 8.22 26.22
C ARG D 329 -22.51 8.25 26.40
N MET D 330 -21.75 8.09 25.32
CA MET D 330 -20.30 8.08 25.43
C MET D 330 -19.77 9.45 25.83
N CYS D 331 -20.34 10.52 25.27
CA CYS D 331 -19.90 11.86 25.65
C CYS D 331 -20.16 12.11 27.13
N PHE D 332 -21.34 11.74 27.61
CA PHE D 332 -21.64 11.87 29.02
C PHE D 332 -20.67 11.06 29.86
N ALA D 333 -20.39 9.82 29.44
CA ALA D 333 -19.49 8.98 30.20
C ALA D 333 -18.11 9.59 30.28
N VAL D 334 -17.59 10.11 29.17
CA VAL D 334 -16.24 10.66 29.16
C VAL D 334 -16.16 11.89 30.06
N PHE D 335 -17.11 12.82 29.90
CA PHE D 335 -17.05 14.04 30.70
C PHE D 335 -17.24 13.73 32.18
N LEU D 336 -18.21 12.87 32.51
CA LEU D 336 -18.43 12.51 33.91
C LEU D 336 -17.21 11.84 34.49
N CYS D 337 -16.59 10.92 33.72
CA CYS D 337 -15.37 10.26 34.18
C CYS D 337 -14.32 11.29 34.51
N PHE D 338 -13.98 12.20 33.57
CA PHE D 338 -12.92 13.16 33.80
C PHE D 338 -13.23 14.03 35.01
N ALA D 339 -14.47 14.53 35.08
CA ALA D 339 -14.82 15.43 36.17
C ALA D 339 -14.74 14.72 37.52
N LEU D 340 -15.42 13.59 37.65
CA LEU D 340 -15.37 12.83 38.90
C LEU D 340 -13.93 12.50 39.28
N SER D 341 -13.08 12.23 38.29
CA SER D 341 -11.71 11.84 38.60
C SER D 341 -10.90 13.01 39.14
N TYR D 342 -10.91 14.17 38.49
CA TYR D 342 -10.02 15.28 38.90
C TYR D 342 -10.64 16.48 39.56
N ILE D 343 -11.85 16.89 39.19
CA ILE D 343 -12.36 18.14 39.76
C ILE D 343 -12.36 18.10 41.27
N PRO D 344 -12.76 17.01 41.93
CA PRO D 344 -12.68 17.01 43.41
C PRO D 344 -11.31 17.40 43.94
N PHE D 345 -10.26 16.68 43.52
CA PHE D 345 -8.93 16.93 44.03
C PHE D 345 -8.48 18.35 43.72
N LEU D 346 -8.60 18.74 42.45
CA LEU D 346 -8.12 20.06 42.02
C LEU D 346 -8.82 21.17 42.79
N LEU D 347 -10.16 21.13 42.85
CA LEU D 347 -10.86 22.23 43.48
C LEU D 347 -10.65 22.21 44.99
N LEU D 348 -10.64 21.05 45.61
CA LEU D 348 -10.38 20.99 47.04
C LEU D 348 -9.05 21.64 47.37
N ASN D 349 -8.02 21.36 46.57
CA ASN D 349 -6.70 21.93 46.82
C ASN D 349 -6.61 23.40 46.45
N ILE D 350 -7.32 23.85 45.42
CA ILE D 350 -7.32 25.27 45.09
C ILE D 350 -7.98 26.07 46.21
N LEU D 351 -9.17 25.65 46.63
CA LEU D 351 -9.87 26.37 47.68
C LEU D 351 -9.17 26.21 49.02
N ASP D 352 -8.77 24.99 49.36
CA ASP D 352 -8.07 24.73 50.60
C ASP D 352 -6.58 24.99 50.43
N ALA D 353 -6.22 26.23 50.10
CA ALA D 353 -4.82 26.56 49.88
C ALA D 353 -3.97 26.27 51.12
N ARG D 354 -4.44 26.70 52.30
CA ARG D 354 -3.74 26.40 53.58
C ARG D 354 -4.53 25.25 54.20
N VAL D 355 -3.92 24.08 54.39
CA VAL D 355 -4.63 22.86 54.75
C VAL D 355 -5.44 23.10 56.01
N GLN D 356 -6.77 23.02 55.88
CA GLN D 356 -7.67 23.18 57.01
C GLN D 356 -8.78 22.14 56.97
N ALA D 357 -9.00 21.54 55.80
CA ALA D 357 -10.11 20.61 55.64
C ALA D 357 -9.88 19.33 56.44
N PRO D 358 -10.94 18.61 56.75
CA PRO D 358 -10.77 17.35 57.51
C PRO D 358 -10.08 16.29 56.67
N ARG D 359 -9.46 15.34 57.36
CA ARG D 359 -8.91 14.18 56.68
C ARG D 359 -10.04 13.38 56.03
N VAL D 360 -9.65 12.32 55.33
CA VAL D 360 -10.59 11.48 54.56
C VAL D 360 -11.11 12.27 53.38
N VAL D 361 -11.54 13.52 53.60
CA VAL D 361 -11.89 14.39 52.49
C VAL D 361 -10.70 14.54 51.53
N HIS D 362 -9.53 14.87 52.07
CA HIS D 362 -8.33 14.93 51.24
C HIS D 362 -7.97 13.55 50.72
N MET D 363 -8.04 12.54 51.58
CA MET D 363 -7.76 11.18 51.12
C MET D 363 -8.74 10.73 50.06
N LEU D 364 -10.03 11.04 50.25
CA LEU D 364 -11.04 10.67 49.26
C LEU D 364 -10.78 11.39 47.94
N ALA D 365 -10.44 12.68 48.01
CA ALA D 365 -10.16 13.44 46.80
C ALA D 365 -8.98 12.85 46.05
N ALA D 366 -7.92 12.51 46.77
CA ALA D 366 -6.76 11.89 46.13
C ALA D 366 -7.13 10.53 45.54
N ASN D 367 -7.93 9.75 46.27
CA ASN D 367 -8.31 8.42 45.80
C ASN D 367 -9.12 8.51 44.52
N LEU D 368 -10.04 9.48 44.41
CA LEU D 368 -10.79 9.64 43.18
C LEU D 368 -9.88 9.82 41.98
N THR D 369 -8.72 10.49 42.15
CA THR D 369 -7.79 10.64 41.03
C THR D 369 -7.22 9.29 40.59
N TRP D 370 -7.30 8.25 41.44
CA TRP D 370 -6.86 6.92 41.00
C TRP D 370 -7.82 6.32 40.00
N LEU D 371 -9.05 6.85 39.93
CA LEU D 371 -10.04 6.34 38.97
C LEU D 371 -9.49 6.37 37.55
N ASN D 372 -8.93 7.51 37.15
CA ASN D 372 -8.38 7.67 35.81
C ASN D 372 -7.42 6.55 35.47
N GLY D 373 -6.59 6.12 36.43
CA GLY D 373 -5.56 5.15 36.12
C GLY D 373 -6.11 3.82 35.63
N CYS D 374 -7.37 3.52 35.95
CA CYS D 374 -7.96 2.23 35.62
C CYS D 374 -9.15 2.31 34.68
N ILE D 375 -9.90 3.41 34.68
CA ILE D 375 -11.07 3.49 33.81
C ILE D 375 -10.72 3.92 32.40
N ASN D 376 -9.70 4.76 32.23
CA ASN D 376 -9.36 5.24 30.88
C ASN D 376 -9.17 4.09 29.90
N PRO D 377 -8.48 2.99 30.26
CA PRO D 377 -8.43 1.84 29.33
C PRO D 377 -9.80 1.25 29.04
N VAL D 378 -10.84 1.58 29.81
CA VAL D 378 -12.18 1.12 29.52
C VAL D 378 -12.80 2.05 28.48
N LEU D 379 -12.90 3.34 28.81
CA LEU D 379 -13.58 4.28 27.93
C LEU D 379 -12.85 4.42 26.60
N TYR D 380 -11.52 4.52 26.64
CA TYR D 380 -10.76 4.91 25.46
C TYR D 380 -10.14 3.74 24.72
N ALA D 381 -10.13 2.54 25.31
CA ALA D 381 -9.51 1.39 24.66
C ALA D 381 -10.46 0.20 24.57
N ALA D 382 -11.23 -0.03 25.62
CA ALA D 382 -12.12 -1.19 25.63
C ALA D 382 -13.33 -0.97 24.72
N MET D 383 -13.93 0.22 24.77
CA MET D 383 -15.12 0.48 23.99
C MET D 383 -14.80 0.87 22.55
N ASN D 384 -13.54 1.21 22.24
CA ASN D 384 -13.14 1.58 20.88
C ASN D 384 -13.26 0.34 19.99
N ARG D 385 -13.94 0.42 18.85
CA ARG D 385 -14.11 -0.72 17.95
C ARG D 385 -12.78 -1.23 17.45
N GLN D 386 -11.86 -0.33 17.09
CA GLN D 386 -10.59 -0.75 16.53
C GLN D 386 -9.80 -1.60 17.53
N PHE D 387 -9.62 -1.08 18.75
CA PHE D 387 -8.87 -1.83 19.76
C PHE D 387 -9.56 -3.14 20.10
N ARG D 388 -10.88 -3.09 20.28
CA ARG D 388 -11.62 -4.29 20.66
C ARG D 388 -11.47 -5.36 19.60
N GLN D 389 -11.64 -4.99 18.33
CA GLN D 389 -11.53 -5.96 17.25
C GLN D 389 -10.11 -6.47 17.09
N ALA D 390 -9.12 -5.59 17.28
CA ALA D 390 -7.73 -6.03 17.18
C ALA D 390 -7.42 -7.09 18.23
N TYR D 391 -7.81 -6.84 19.48
CA TYR D 391 -7.50 -7.82 20.52
C TYR D 391 -8.37 -9.05 20.40
N GLY D 392 -9.60 -8.90 19.90
CA GLY D 392 -10.41 -10.08 19.63
C GLY D 392 -9.80 -10.97 18.58
N SER D 393 -9.26 -10.36 17.52
CA SER D 393 -8.55 -11.13 16.51
C SER D 393 -7.29 -11.78 17.09
N ILE D 394 -6.58 -11.09 17.97
CA ILE D 394 -5.41 -11.66 18.62
C ILE D 394 -5.81 -12.93 19.36
N LEU D 395 -6.85 -12.82 20.20
CA LEU D 395 -7.27 -13.99 20.98
C LEU D 395 -7.80 -15.10 20.07
N LYS D 396 -8.52 -14.73 19.02
CA LYS D 396 -9.11 -15.72 18.12
C LYS D 396 -8.03 -16.52 17.41
N ARG D 397 -6.99 -15.84 16.95
CA ARG D 397 -5.92 -16.52 16.22
C ARG D 397 -5.03 -17.36 17.12
N GLY D 398 -5.19 -17.27 18.43
CA GLY D 398 -4.46 -18.09 19.35
C GLY D 398 -3.21 -17.43 19.87
N PRO D 399 -2.44 -18.15 20.71
CA PRO D 399 -1.22 -17.57 21.28
C PRO D 399 -0.08 -17.38 20.28
N ARG D 400 -0.32 -17.68 19.00
CA ARG D 400 0.72 -17.50 17.99
C ARG D 400 1.20 -16.05 17.93
N SER D 401 0.35 -15.13 18.35
CA SER D 401 0.73 -13.72 18.35
C SER D 401 1.90 -13.44 19.28
N PHE D 402 2.22 -14.35 20.18
CA PHE D 402 3.33 -14.19 21.11
C PHE D 402 4.56 -15.01 20.75
N HIS D 403 4.38 -16.28 20.37
CA HIS D 403 5.51 -17.16 20.09
C HIS D 403 5.86 -17.24 18.61
N ARG D 404 5.07 -16.62 17.73
CA ARG D 404 5.44 -16.55 16.32
C ARG D 404 5.57 -15.11 15.85
N LEU D 405 4.58 -14.28 16.20
CA LEU D 405 4.62 -12.87 15.82
C LEU D 405 5.17 -12.04 16.98
N VAL E 2 15.28 16.16 -25.57
CA VAL E 2 15.95 16.71 -24.37
C VAL E 2 16.92 17.83 -24.78
N GLN E 3 16.94 18.89 -24.00
CA GLN E 3 17.79 20.03 -24.30
C GLN E 3 18.09 20.79 -23.02
N LEU E 4 19.36 21.14 -22.83
CA LEU E 4 19.81 21.95 -21.70
C LEU E 4 20.58 23.14 -22.26
N VAL E 5 20.22 24.34 -21.82
CA VAL E 5 20.82 25.56 -22.35
C VAL E 5 21.21 26.48 -21.20
N GLU E 6 22.53 26.73 -21.07
CA GLU E 6 23.05 27.54 -20.00
C GLU E 6 23.04 28.96 -20.52
N SER E 7 23.09 29.95 -19.62
CA SER E 7 23.16 31.36 -19.99
C SER E 7 23.92 32.10 -18.90
N GLY E 8 24.07 33.41 -19.07
CA GLY E 8 24.77 34.23 -18.11
C GLY E 8 26.27 34.32 -18.31
N GLY E 9 26.78 33.91 -19.46
CA GLY E 9 28.21 33.96 -19.70
C GLY E 9 28.69 35.35 -20.05
N GLY E 10 30.01 35.51 -19.99
CA GLY E 10 30.64 36.76 -20.33
C GLY E 10 31.86 37.00 -19.46
N LEU E 11 32.28 38.26 -19.41
CA LEU E 11 33.43 38.65 -18.63
C LEU E 11 33.00 39.19 -17.27
N VAL E 12 33.80 38.90 -16.26
CA VAL E 12 33.52 39.31 -14.88
C VAL E 12 34.81 39.79 -14.23
N GLN E 13 34.66 40.70 -13.27
CA GLN E 13 35.81 41.30 -12.62
C GLN E 13 36.21 40.51 -11.38
N PRO E 14 37.52 40.32 -11.14
CA PRO E 14 37.96 39.47 -10.04
C PRO E 14 37.42 39.91 -8.69
N GLY E 15 36.85 38.96 -7.97
CA GLY E 15 36.28 39.22 -6.66
C GLY E 15 34.84 39.68 -6.68
N GLY E 16 34.19 39.72 -7.84
CA GLY E 16 32.80 40.13 -7.93
C GLY E 16 31.86 38.98 -7.67
N SER E 17 30.61 39.18 -8.09
CA SER E 17 29.57 38.17 -7.97
C SER E 17 28.77 38.11 -9.26
N ARG E 18 28.16 36.97 -9.52
CA ARG E 18 27.39 36.79 -10.75
C ARG E 18 26.41 35.62 -10.57
N LYS E 19 25.45 35.55 -11.49
CA LYS E 19 24.50 34.44 -11.58
C LYS E 19 24.67 33.74 -12.92
N LEU E 20 24.73 32.41 -12.89
CA LEU E 20 24.52 31.59 -14.07
C LEU E 20 23.19 30.86 -13.95
N SER E 21 22.57 30.59 -15.10
CA SER E 21 21.32 29.83 -15.10
C SER E 21 21.28 28.95 -16.35
N CYS E 22 20.59 27.82 -16.21
CA CYS E 22 20.32 26.93 -17.33
C CYS E 22 18.87 26.51 -17.30
N SER E 23 18.24 26.54 -18.48
CA SER E 23 16.82 26.25 -18.61
C SER E 23 16.65 24.82 -19.10
N ALA E 24 15.96 24.01 -18.31
CA ALA E 24 15.71 22.62 -18.67
C ALA E 24 14.50 22.53 -19.58
N SER E 25 14.59 21.66 -20.60
CA SER E 25 13.53 21.48 -21.57
C SER E 25 13.56 20.05 -22.09
N GLY E 26 12.38 19.55 -22.46
CA GLY E 26 12.30 18.23 -23.05
C GLY E 26 12.44 17.08 -22.08
N PHE E 27 12.36 17.33 -20.79
CA PHE E 27 12.43 16.26 -19.80
C PHE E 27 11.88 16.77 -18.48
N ALA E 28 11.57 15.81 -17.59
CA ALA E 28 10.99 16.11 -16.28
C ALA E 28 12.09 16.59 -15.34
N PHE E 29 12.41 17.89 -15.46
CA PHE E 29 13.46 18.47 -14.64
C PHE E 29 13.15 18.32 -13.16
N SER E 30 11.87 18.23 -12.80
CA SER E 30 11.49 18.17 -11.39
C SER E 30 12.02 16.91 -10.71
N SER E 31 12.28 15.86 -11.49
CA SER E 31 12.70 14.59 -10.91
C SER E 31 14.21 14.36 -11.00
N PHE E 32 14.90 15.09 -11.86
CA PHE E 32 16.34 14.88 -12.05
C PHE E 32 17.15 15.67 -11.04
N GLY E 33 18.18 15.04 -10.50
CA GLY E 33 19.23 15.79 -9.84
C GLY E 33 20.10 16.51 -10.86
N MET E 34 20.77 17.58 -10.42
CA MET E 34 21.52 18.42 -11.32
C MET E 34 22.94 18.62 -10.79
N HIS E 35 23.89 18.72 -11.72
CA HIS E 35 25.28 18.99 -11.41
C HIS E 35 25.77 20.18 -12.22
N TRP E 36 26.57 21.02 -11.59
CA TRP E 36 27.38 22.01 -12.27
C TRP E 36 28.81 21.48 -12.31
N VAL E 37 29.38 21.44 -13.52
CA VAL E 37 30.74 20.95 -13.73
C VAL E 37 31.52 22.00 -14.51
N ARG E 38 32.72 22.34 -14.03
CA ARG E 38 33.53 23.34 -14.69
C ARG E 38 34.65 22.70 -15.50
N GLN E 39 35.19 23.48 -16.44
CA GLN E 39 36.34 23.06 -17.23
C GLN E 39 37.17 24.31 -17.49
N ALA E 40 38.41 24.31 -17.01
CA ALA E 40 39.29 25.44 -17.26
C ALA E 40 39.56 25.54 -18.76
N PRO E 41 39.92 26.74 -19.25
CA PRO E 41 40.03 26.95 -20.70
C PRO E 41 40.79 25.86 -21.42
N GLU E 42 41.87 25.35 -20.82
CA GLU E 42 42.74 24.38 -21.47
C GLU E 42 42.76 23.01 -20.79
N LYS E 43 42.52 22.95 -19.48
CA LYS E 43 42.68 21.72 -18.73
C LYS E 43 41.35 20.99 -18.59
N GLY E 44 41.35 19.91 -17.81
CA GLY E 44 40.23 18.99 -17.79
C GLY E 44 39.08 19.45 -16.93
N LEU E 45 38.08 18.58 -16.84
CA LEU E 45 36.85 18.87 -16.10
C LEU E 45 37.11 18.93 -14.61
N GLU E 46 36.19 19.55 -13.89
CA GLU E 46 36.21 19.59 -12.44
C GLU E 46 34.79 19.78 -11.92
N TRP E 47 34.38 18.88 -11.03
CA TRP E 47 33.01 18.93 -10.50
C TRP E 47 32.86 20.14 -9.59
N VAL E 48 31.81 20.93 -9.83
CA VAL E 48 31.55 22.14 -9.06
C VAL E 48 30.54 21.92 -7.96
N ALA E 49 29.32 21.49 -8.32
CA ALA E 49 28.27 21.40 -7.33
C ALA E 49 27.23 20.39 -7.78
N TYR E 50 26.41 19.96 -6.82
CA TYR E 50 25.33 19.01 -7.06
C TYR E 50 24.13 19.36 -6.18
N ILE E 51 22.95 19.28 -6.76
CA ILE E 51 21.69 19.44 -6.03
C ILE E 51 20.78 18.27 -6.39
N SER E 52 20.36 17.52 -5.38
CA SER E 52 19.43 16.43 -5.61
C SER E 52 18.04 16.98 -5.88
N SER E 53 17.24 16.19 -6.59
CA SER E 53 15.86 16.59 -6.84
C SER E 53 15.17 16.92 -5.53
N GLY E 54 14.29 17.92 -5.57
CA GLY E 54 13.63 18.38 -4.37
C GLY E 54 14.53 19.16 -3.43
N SER E 55 15.76 19.42 -3.81
CA SER E 55 16.72 20.20 -3.03
C SER E 55 17.00 19.59 -1.66
N GLY E 56 16.77 18.29 -1.50
CA GLY E 56 17.04 17.65 -0.23
C GLY E 56 18.51 17.46 0.08
N THR E 57 19.36 17.53 -0.95
CA THR E 57 20.79 17.32 -0.81
C THR E 57 21.53 18.32 -1.69
N ILE E 58 22.43 19.09 -1.09
CA ILE E 58 23.20 20.10 -1.82
C ILE E 58 24.66 19.98 -1.40
N TYR E 59 25.51 19.62 -2.36
CA TYR E 59 26.93 19.34 -2.13
C TYR E 59 27.79 20.22 -3.04
N TYR E 60 28.94 20.62 -2.51
CA TYR E 60 29.86 21.50 -3.22
C TYR E 60 31.26 20.93 -3.15
N ALA E 61 32.07 21.30 -4.12
CA ALA E 61 33.50 21.00 -4.07
C ALA E 61 34.18 21.95 -3.10
N ASP E 62 35.18 21.43 -2.38
CA ASP E 62 35.89 22.25 -1.40
C ASP E 62 36.54 23.47 -2.04
N THR E 63 36.80 23.43 -3.36
CA THR E 63 37.37 24.56 -4.05
C THR E 63 36.41 25.74 -4.16
N VAL E 64 35.11 25.51 -3.99
CA VAL E 64 34.12 26.56 -4.18
C VAL E 64 33.15 26.63 -3.01
N LYS E 65 33.17 25.60 -2.16
CA LYS E 65 32.20 25.54 -1.06
C LYS E 65 32.27 26.82 -0.24
N GLY E 66 31.13 27.50 -0.13
CA GLY E 66 31.02 28.77 0.54
C GLY E 66 31.02 29.97 -0.38
N ARG E 67 31.67 29.86 -1.54
CA ARG E 67 31.66 30.95 -2.51
C ARG E 67 30.54 30.79 -3.52
N PHE E 68 30.21 29.55 -3.89
CA PHE E 68 29.16 29.26 -4.84
C PHE E 68 27.96 28.69 -4.11
N THR E 69 26.78 28.91 -4.69
CA THR E 69 25.53 28.39 -4.15
C THR E 69 24.65 27.92 -5.30
N ILE E 70 24.20 26.68 -5.23
CA ILE E 70 23.36 26.10 -6.26
C ILE E 70 21.90 26.14 -5.81
N SER E 71 20.99 26.32 -6.77
CA SER E 71 19.57 26.32 -6.47
C SER E 71 18.81 25.88 -7.71
N ARG E 72 17.54 25.50 -7.51
CA ARG E 72 16.70 25.04 -8.60
C ARG E 72 15.28 25.57 -8.42
N ASP E 73 14.63 25.84 -9.55
CA ASP E 73 13.23 26.24 -9.60
C ASP E 73 12.55 25.24 -10.52
N ASP E 74 11.93 24.22 -9.92
CA ASP E 74 11.21 23.22 -10.70
C ASP E 74 10.03 23.80 -11.48
N PRO E 75 9.19 24.67 -10.90
CA PRO E 75 8.05 25.19 -11.68
C PRO E 75 8.47 25.87 -12.97
N LYS E 76 9.62 26.55 -12.98
CA LYS E 76 10.14 27.16 -14.19
C LYS E 76 11.17 26.28 -14.90
N ASN E 77 11.47 25.11 -14.34
CA ASN E 77 12.45 24.18 -14.92
C ASN E 77 13.77 24.90 -15.18
N THR E 78 14.30 25.54 -14.14
CA THR E 78 15.54 26.30 -14.26
C THR E 78 16.48 25.95 -13.12
N LEU E 79 17.78 26.04 -13.38
CA LEU E 79 18.81 25.83 -12.38
C LEU E 79 19.70 27.07 -12.32
N PHE E 80 20.05 27.48 -11.11
CA PHE E 80 20.81 28.71 -10.88
C PHE E 80 22.06 28.40 -10.08
N LEU E 81 23.10 29.18 -10.35
CA LEU E 81 24.37 29.15 -9.60
C LEU E 81 24.75 30.59 -9.30
N GLN E 82 24.69 30.96 -8.01
CA GLN E 82 25.21 32.23 -7.55
C GLN E 82 26.68 32.08 -7.18
N MET E 83 27.49 33.08 -7.51
CA MET E 83 28.89 33.00 -7.19
C MET E 83 29.25 34.33 -6.58
N THR E 84 30.10 34.35 -5.56
CA THR E 84 30.61 35.56 -4.91
C THR E 84 32.09 35.39 -4.64
N SER E 85 32.80 36.51 -4.61
CA SER E 85 34.24 36.53 -4.39
C SER E 85 34.96 35.71 -5.46
N LEU E 86 34.71 36.06 -6.72
CA LEU E 86 35.31 35.33 -7.83
C LEU E 86 36.81 35.54 -7.86
N ARG E 87 37.53 34.54 -8.35
CA ARG E 87 38.98 34.60 -8.49
C ARG E 87 39.38 34.03 -9.84
N SER E 88 40.64 34.27 -10.21
CA SER E 88 41.11 33.88 -11.53
C SER E 88 40.91 32.39 -11.80
N GLU E 89 41.05 31.56 -10.76
CA GLU E 89 40.90 30.13 -10.93
C GLU E 89 39.50 29.74 -11.39
N ASP E 90 38.52 30.62 -11.22
CA ASP E 90 37.14 30.30 -11.56
C ASP E 90 36.83 30.48 -13.05
N THR E 91 37.71 31.15 -13.81
CA THR E 91 37.47 31.31 -15.23
C THR E 91 37.37 29.95 -15.90
N ALA E 92 36.27 29.70 -16.58
CA ALA E 92 36.06 28.36 -17.15
C ALA E 92 34.76 28.29 -17.93
N MET E 93 34.62 27.19 -18.66
CA MET E 93 33.34 26.78 -19.20
C MET E 93 32.55 26.05 -18.12
N TYR E 94 31.24 26.25 -18.08
CA TYR E 94 30.39 25.65 -17.07
C TYR E 94 29.27 24.88 -17.75
N TYR E 95 29.15 23.59 -17.41
CA TYR E 95 28.13 22.72 -17.96
C TYR E 95 27.16 22.30 -16.86
N CYS E 96 25.89 22.13 -17.25
CA CYS E 96 24.89 21.53 -16.38
C CYS E 96 24.63 20.10 -16.86
N VAL E 97 24.69 19.16 -15.94
CA VAL E 97 24.54 17.74 -16.26
C VAL E 97 23.43 17.16 -15.40
N ARG E 98 22.44 16.56 -16.03
CA ARG E 98 21.37 15.91 -15.31
C ARG E 98 21.80 14.52 -14.84
N SER E 99 21.18 14.06 -13.77
CA SER E 99 21.51 12.74 -13.21
C SER E 99 20.33 12.28 -12.38
N ILE E 100 19.74 11.15 -12.75
CA ILE E 100 18.64 10.55 -12.02
C ILE E 100 19.16 9.27 -11.36
N TYR E 101 18.94 9.15 -10.06
CA TYR E 101 19.53 8.09 -9.26
C TYR E 101 18.45 7.11 -8.83
N TYR E 102 18.51 5.89 -9.36
CA TYR E 102 17.71 4.76 -8.90
C TYR E 102 18.37 3.52 -9.47
N TYR E 103 17.96 2.36 -8.97
CA TYR E 103 18.57 1.11 -9.39
C TYR E 103 18.55 0.99 -10.91
N GLY E 104 19.73 0.90 -11.51
CA GLY E 104 19.85 0.76 -12.95
C GLY E 104 19.85 2.05 -13.73
N SER E 105 19.74 3.20 -13.06
CA SER E 105 19.72 4.48 -13.76
C SER E 105 21.09 4.77 -14.37
N SER E 106 21.13 5.83 -15.19
CA SER E 106 22.35 6.25 -15.87
C SER E 106 22.60 7.72 -15.60
N PRO E 107 23.20 8.07 -14.47
CA PRO E 107 23.44 9.49 -14.17
C PRO E 107 24.48 10.09 -15.09
N PHE E 108 24.45 11.42 -15.17
CA PHE E 108 25.35 12.20 -16.02
C PHE E 108 25.13 11.92 -17.50
N ASP E 109 23.92 11.45 -17.87
CA ASP E 109 23.70 11.03 -19.25
C ASP E 109 23.75 12.19 -20.23
N PHE E 110 23.17 13.33 -19.88
CA PHE E 110 23.03 14.46 -20.79
C PHE E 110 23.79 15.67 -20.25
N TRP E 111 24.46 16.38 -21.15
CA TRP E 111 25.26 17.55 -20.79
C TRP E 111 24.78 18.74 -21.60
N GLY E 112 24.76 19.91 -20.96
CA GLY E 112 24.34 21.12 -21.63
C GLY E 112 25.41 21.66 -22.55
N GLN E 113 25.04 22.70 -23.31
CA GLN E 113 25.96 23.29 -24.27
C GLN E 113 27.12 24.01 -23.59
N GLY E 114 26.90 24.59 -22.42
CA GLY E 114 27.96 25.24 -21.66
C GLY E 114 27.92 26.75 -21.76
N THR E 115 28.30 27.42 -20.68
CA THR E 115 28.38 28.88 -20.62
C THR E 115 29.78 29.29 -20.18
N THR E 116 30.37 30.23 -20.90
CA THR E 116 31.75 30.64 -20.65
C THR E 116 31.78 31.80 -19.67
N LEU E 117 32.62 31.69 -18.65
CA LEU E 117 32.80 32.74 -17.65
C LEU E 117 34.27 33.11 -17.65
N THR E 118 34.59 34.31 -18.13
CA THR E 118 35.97 34.78 -18.22
C THR E 118 36.23 35.75 -17.07
N VAL E 119 37.01 35.31 -16.10
CA VAL E 119 37.41 36.17 -14.99
C VAL E 119 38.61 36.99 -15.43
N SER E 120 38.45 38.32 -15.44
CA SER E 120 39.53 39.19 -15.89
C SER E 120 40.75 39.04 -15.00
N SER E 121 41.85 39.65 -15.42
CA SER E 121 43.09 39.61 -14.66
C SER E 121 43.15 40.76 -13.66
N SER E 136 42.86 14.15 0.44
CA SER E 136 41.79 13.39 1.11
C SER E 136 40.81 12.82 0.10
N ASP E 137 40.60 13.55 -0.99
CA ASP E 137 39.71 13.09 -2.04
C ASP E 137 40.32 11.92 -2.79
N ILE E 138 39.51 11.28 -3.63
CA ILE E 138 39.97 10.16 -4.43
C ILE E 138 40.70 10.71 -5.65
N VAL E 139 41.99 10.42 -5.75
CA VAL E 139 42.79 10.91 -6.88
C VAL E 139 42.64 9.95 -8.05
N MET E 140 42.28 10.48 -9.21
CA MET E 140 42.13 9.70 -10.43
C MET E 140 43.20 10.11 -11.43
N THR E 141 43.87 9.13 -12.02
CA THR E 141 44.95 9.37 -12.95
C THR E 141 44.71 8.59 -14.24
N GLN E 142 45.12 9.19 -15.36
CA GLN E 142 45.02 8.59 -16.66
C GLN E 142 46.40 8.41 -17.26
N ALA E 143 46.58 7.35 -18.03
CA ALA E 143 47.92 6.94 -18.44
C ALA E 143 48.64 8.02 -19.23
N THR E 144 48.00 8.57 -20.26
CA THR E 144 48.68 9.49 -21.17
C THR E 144 47.77 10.67 -21.49
N SER E 145 48.41 11.79 -21.82
CA SER E 145 47.65 12.96 -22.24
C SER E 145 47.16 12.83 -23.68
N SER E 146 47.86 12.06 -24.51
CA SER E 146 47.49 11.91 -25.91
C SER E 146 47.81 10.51 -26.38
N VAL E 147 47.10 10.07 -27.41
CA VAL E 147 47.30 8.76 -28.02
C VAL E 147 47.04 8.87 -29.52
N PRO E 148 47.92 8.35 -30.38
CA PRO E 148 47.64 8.40 -31.82
C PRO E 148 46.74 7.25 -32.26
N VAL E 149 45.90 7.53 -33.26
CA VAL E 149 44.96 6.55 -33.79
C VAL E 149 44.64 6.87 -35.24
N THR E 150 44.12 5.87 -35.95
CA THR E 150 43.64 6.01 -37.31
C THR E 150 42.34 5.24 -37.45
N PRO E 151 41.51 5.59 -38.43
CA PRO E 151 40.21 4.90 -38.57
C PRO E 151 40.40 3.40 -38.78
N GLY E 152 39.49 2.63 -38.19
CA GLY E 152 39.50 1.18 -38.33
C GLY E 152 40.38 0.44 -37.35
N GLU E 153 41.07 1.15 -36.46
CA GLU E 153 41.97 0.50 -35.51
C GLU E 153 41.28 0.32 -34.16
N SER E 154 41.87 -0.54 -33.33
CA SER E 154 41.40 -0.79 -31.98
C SER E 154 42.34 -0.10 -30.99
N VAL E 155 41.78 0.72 -30.10
CA VAL E 155 42.58 1.54 -29.20
C VAL E 155 42.02 1.43 -27.79
N SER E 156 42.92 1.31 -26.81
CA SER E 156 42.55 1.18 -25.41
C SER E 156 43.06 2.39 -24.63
N ILE E 157 42.36 2.76 -23.55
CA ILE E 157 42.77 3.88 -22.70
C ILE E 157 42.69 3.35 -21.27
N SER E 158 43.65 3.68 -20.40
CA SER E 158 43.80 3.15 -19.06
C SER E 158 43.40 4.19 -18.03
N CYS E 159 43.16 3.73 -16.80
CA CYS E 159 42.75 4.60 -15.71
C CYS E 159 43.14 3.96 -14.39
N ARG E 160 43.35 4.80 -13.39
CA ARG E 160 43.68 4.34 -12.04
C ARG E 160 43.07 5.29 -11.02
N SER E 161 42.77 4.76 -9.85
CA SER E 161 42.09 5.49 -8.79
C SER E 161 42.85 5.34 -7.48
N SER E 162 42.73 6.35 -6.61
CA SER E 162 43.39 6.28 -5.31
C SER E 162 42.80 5.17 -4.44
N LYS E 163 41.49 4.96 -4.51
CA LYS E 163 40.80 3.95 -3.73
C LYS E 163 40.10 2.96 -4.64
N SER E 164 39.89 1.76 -4.13
CA SER E 164 39.11 0.76 -4.85
C SER E 164 37.66 1.21 -4.94
N LEU E 165 37.17 1.40 -6.16
CA LEU E 165 35.80 1.86 -6.35
C LEU E 165 34.77 0.74 -6.19
N LEU E 166 35.20 -0.52 -6.16
CA LEU E 166 34.29 -1.64 -5.99
C LEU E 166 33.70 -1.56 -4.58
N HIS E 167 32.42 -1.18 -4.51
CA HIS E 167 31.74 -1.03 -3.24
C HIS E 167 31.21 -2.37 -2.73
N SER E 168 30.82 -2.39 -1.46
CA SER E 168 30.30 -3.62 -0.86
C SER E 168 29.10 -4.17 -1.63
N ASN E 169 28.28 -3.28 -2.20
CA ASN E 169 27.11 -3.72 -2.94
C ASN E 169 27.46 -4.27 -4.32
N GLY E 170 28.74 -4.31 -4.69
CA GLY E 170 29.16 -4.88 -5.95
C GLY E 170 29.29 -3.91 -7.10
N ASN E 171 28.85 -2.67 -6.93
CA ASN E 171 28.91 -1.70 -8.01
C ASN E 171 30.27 -1.02 -8.05
N THR E 172 30.90 -1.05 -9.22
CA THR E 172 32.17 -0.36 -9.45
C THR E 172 31.84 0.98 -10.08
N TYR E 173 31.92 2.04 -9.28
CA TYR E 173 31.40 3.33 -9.70
C TYR E 173 32.40 4.13 -10.52
N LEU E 174 32.60 3.74 -11.78
CA LEU E 174 33.44 4.47 -12.71
C LEU E 174 32.64 4.87 -13.94
N TYR E 175 32.89 6.08 -14.41
CA TYR E 175 32.20 6.65 -15.56
C TYR E 175 33.21 7.12 -16.59
N TRP E 176 32.89 6.88 -17.86
CA TRP E 176 33.72 7.26 -18.99
C TRP E 176 32.93 8.21 -19.87
N PHE E 177 33.47 9.42 -20.08
CA PHE E 177 32.86 10.44 -20.92
C PHE E 177 33.77 10.75 -22.10
N LEU E 178 33.16 11.11 -23.23
CA LEU E 178 33.89 11.54 -24.42
C LEU E 178 33.49 12.97 -24.74
N GLN E 179 34.47 13.84 -24.93
CA GLN E 179 34.24 15.22 -25.34
C GLN E 179 34.91 15.42 -26.70
N ARG E 180 34.11 15.62 -27.73
CA ARG E 180 34.65 15.98 -29.03
C ARG E 180 34.98 17.47 -29.07
N PRO E 181 35.96 17.88 -29.87
CA PRO E 181 36.37 19.30 -29.88
C PRO E 181 35.18 20.21 -30.19
N GLY E 182 34.82 21.03 -29.20
CA GLY E 182 33.77 22.01 -29.35
C GLY E 182 32.42 21.60 -28.83
N GLN E 183 32.19 20.30 -28.64
CA GLN E 183 30.90 19.81 -28.16
C GLN E 183 30.97 19.51 -26.67
N SER E 184 29.80 19.39 -26.05
CA SER E 184 29.75 19.07 -24.63
C SER E 184 30.14 17.61 -24.42
N PRO E 185 30.66 17.27 -23.24
CA PRO E 185 30.95 15.86 -22.96
C PRO E 185 29.68 15.02 -23.01
N GLN E 186 29.84 13.77 -23.45
CA GLN E 186 28.72 12.85 -23.54
C GLN E 186 29.08 11.57 -22.78
N LEU E 187 28.12 11.07 -22.01
CA LEU E 187 28.34 9.86 -21.23
C LEU E 187 28.48 8.66 -22.16
N LEU E 188 29.63 8.00 -22.09
CA LEU E 188 29.85 6.76 -22.83
C LEU E 188 29.54 5.53 -21.98
N ILE E 189 30.15 5.43 -20.81
CA ILE E 189 29.97 4.26 -19.94
C ILE E 189 29.70 4.74 -18.53
N TYR E 190 28.80 4.04 -17.83
CA TYR E 190 28.53 4.32 -16.43
C TYR E 190 28.70 3.05 -15.62
N ARG E 191 29.29 3.20 -14.43
CA ARG E 191 29.62 2.08 -13.55
C ARG E 191 30.52 1.08 -14.26
N MET E 192 31.34 1.59 -15.18
CA MET E 192 32.52 0.90 -15.68
C MET E 192 32.22 -0.24 -16.65
N SER E 193 30.95 -0.61 -16.82
CA SER E 193 30.63 -1.66 -17.79
C SER E 193 29.38 -1.37 -18.60
N ASN E 194 28.56 -0.41 -18.15
CA ASN E 194 27.24 -0.21 -18.73
C ASN E 194 27.30 0.87 -19.80
N LEU E 195 27.08 0.48 -21.05
CA LEU E 195 27.06 1.43 -22.14
C LEU E 195 25.82 2.32 -22.05
N ALA E 196 26.01 3.62 -22.29
CA ALA E 196 24.90 4.54 -22.25
C ALA E 196 24.04 4.40 -23.50
N SER E 197 22.81 4.89 -23.41
CA SER E 197 21.90 4.83 -24.55
C SER E 197 22.44 5.65 -25.71
N GLY E 198 22.39 5.08 -26.90
CA GLY E 198 22.90 5.72 -28.08
C GLY E 198 24.39 5.54 -28.32
N VAL E 199 25.11 4.94 -27.39
CA VAL E 199 26.55 4.70 -27.59
C VAL E 199 26.72 3.49 -28.50
N PRO E 200 27.52 3.57 -29.56
CA PRO E 200 27.70 2.40 -30.43
C PRO E 200 28.43 1.28 -29.70
N ASP E 201 28.29 0.07 -30.23
CA ASP E 201 28.85 -1.11 -29.61
C ASP E 201 30.38 -1.09 -29.64
N ARG E 202 30.95 -0.16 -30.40
CA ARG E 202 32.40 -0.05 -30.48
C ARG E 202 33.03 0.03 -29.09
N PHE E 203 32.39 0.76 -28.18
CA PHE E 203 32.98 1.05 -26.88
C PHE E 203 32.73 -0.09 -25.89
N SER E 204 33.71 -0.32 -25.04
CA SER E 204 33.58 -1.30 -23.96
C SER E 204 34.42 -0.83 -22.78
N GLY E 205 34.09 -1.33 -21.59
CA GLY E 205 34.79 -0.95 -20.39
C GLY E 205 34.97 -2.07 -19.40
N SER E 206 36.05 -2.04 -18.64
CA SER E 206 36.32 -3.06 -17.63
C SER E 206 37.28 -2.48 -16.61
N GLY E 207 37.56 -3.26 -15.57
CA GLY E 207 38.49 -2.81 -14.56
C GLY E 207 38.62 -3.83 -13.44
N SER E 208 39.56 -3.54 -12.54
CA SER E 208 39.89 -4.41 -11.41
C SER E 208 39.66 -3.70 -10.08
N GLY E 209 38.66 -2.82 -10.00
CA GLY E 209 38.37 -2.13 -8.76
C GLY E 209 39.19 -0.87 -8.57
N THR E 210 40.49 -0.96 -8.82
CA THR E 210 41.38 0.19 -8.72
C THR E 210 42.04 0.56 -10.04
N ALA E 211 42.11 -0.36 -11.01
CA ALA E 211 42.64 -0.07 -12.33
C ALA E 211 41.58 -0.43 -13.35
N PHE E 212 41.34 0.49 -14.29
CA PHE E 212 40.24 0.34 -15.23
C PHE E 212 40.76 0.64 -16.64
N THR E 213 39.92 0.30 -17.63
CA THR E 213 40.27 0.53 -19.02
C THR E 213 39.01 0.62 -19.85
N LEU E 214 39.08 1.42 -20.91
CA LEU E 214 38.02 1.57 -21.90
C LEU E 214 38.60 1.32 -23.28
N THR E 215 37.96 0.46 -24.06
CA THR E 215 38.48 0.01 -25.33
C THR E 215 37.50 0.35 -26.45
N ILE E 216 38.04 0.67 -27.62
CA ILE E 216 37.27 0.98 -28.81
C ILE E 216 37.74 0.06 -29.93
N SER E 217 36.81 -0.58 -30.61
CA SER E 217 37.11 -1.42 -31.75
C SER E 217 36.55 -0.80 -33.02
N ARG E 218 37.26 -0.99 -34.13
CA ARG E 218 36.85 -0.44 -35.42
C ARG E 218 36.68 1.08 -35.32
N LEU E 219 37.60 1.71 -34.58
CA LEU E 219 37.53 3.14 -34.33
C LEU E 219 37.13 3.91 -35.59
N GLU E 220 36.17 4.81 -35.42
CA GLU E 220 35.58 5.57 -36.51
C GLU E 220 35.89 7.05 -36.35
N ALA E 221 35.77 7.79 -37.45
CA ALA E 221 35.91 9.24 -37.39
C ALA E 221 34.88 9.81 -36.42
N GLU E 222 35.22 10.96 -35.83
CA GLU E 222 34.42 11.63 -34.80
C GLU E 222 34.55 10.96 -33.44
N ASP E 223 35.25 9.82 -33.36
CA ASP E 223 35.61 9.27 -32.06
C ASP E 223 36.80 9.99 -31.45
N VAL E 224 37.57 10.71 -32.27
CA VAL E 224 38.70 11.47 -31.75
C VAL E 224 38.19 12.57 -30.83
N GLY E 225 38.96 12.85 -29.79
CA GLY E 225 38.55 13.79 -28.77
C GLY E 225 39.21 13.44 -27.45
N VAL E 226 38.71 14.04 -26.38
CA VAL E 226 39.27 13.85 -25.05
C VAL E 226 38.39 12.87 -24.27
N TYR E 227 39.00 11.83 -23.73
CA TYR E 227 38.33 10.84 -22.92
C TYR E 227 38.59 11.18 -21.46
N TYR E 228 37.52 11.34 -20.68
CA TYR E 228 37.60 11.67 -19.27
C TYR E 228 37.03 10.54 -18.43
N CYS E 229 37.69 10.29 -17.30
CA CYS E 229 37.17 9.35 -16.32
C CYS E 229 36.51 10.11 -15.18
N MET E 230 35.73 9.39 -14.39
CA MET E 230 35.13 9.97 -13.20
C MET E 230 34.75 8.87 -12.23
N GLN E 231 34.87 9.16 -10.94
CA GLN E 231 34.41 8.25 -9.90
C GLN E 231 33.18 8.83 -9.22
N HIS E 232 32.27 7.94 -8.80
CA HIS E 232 31.05 8.36 -8.12
C HIS E 232 30.88 7.60 -6.82
N LEU E 233 31.97 7.08 -6.27
CA LEU E 233 31.91 6.38 -4.99
C LEU E 233 31.73 7.34 -3.83
N GLU E 234 32.41 8.48 -3.87
CA GLU E 234 32.30 9.47 -2.81
C GLU E 234 31.94 10.82 -3.42
N TYR E 235 31.18 11.59 -2.65
CA TYR E 235 30.56 12.80 -3.18
C TYR E 235 31.53 13.81 -3.78
N PRO E 236 32.71 14.06 -3.22
CA PRO E 236 33.64 14.97 -3.91
C PRO E 236 34.16 14.34 -5.20
N LEU E 237 33.31 14.35 -6.22
CA LEU E 237 33.63 13.70 -7.48
C LEU E 237 34.90 14.27 -8.08
N THR E 238 35.72 13.41 -8.67
CA THR E 238 36.99 13.79 -9.26
C THR E 238 37.09 13.22 -10.65
N PHE E 239 37.51 14.04 -11.61
CA PHE E 239 37.75 13.60 -12.97
C PHE E 239 39.23 13.32 -13.18
N GLY E 240 39.54 12.69 -14.31
CA GLY E 240 40.91 12.44 -14.68
C GLY E 240 41.53 13.63 -15.40
N ALA E 241 42.77 13.43 -15.82
CA ALA E 241 43.48 14.45 -16.59
C ALA E 241 43.01 14.53 -18.03
N GLY E 242 42.30 13.51 -18.53
CA GLY E 242 41.83 13.50 -19.89
C GLY E 242 42.87 12.98 -20.86
N THR E 243 42.49 12.05 -21.72
CA THR E 243 43.41 11.47 -22.71
C THR E 243 42.93 11.83 -24.10
N LYS E 244 43.83 12.39 -24.90
CA LYS E 244 43.45 12.91 -26.21
C LYS E 244 43.73 11.88 -27.31
N LEU E 245 42.71 11.61 -28.12
CA LEU E 245 42.82 10.70 -29.26
C LEU E 245 42.68 11.52 -30.53
N GLU E 246 43.68 11.43 -31.40
CA GLU E 246 43.75 12.23 -32.61
C GLU E 246 44.07 11.35 -33.81
N LEU E 247 43.62 11.79 -34.98
CA LEU E 247 43.85 11.05 -36.22
C LEU E 247 45.34 10.94 -36.53
C11 HXD F . -2.92 18.93 37.57
C10 HXD F . -2.24 17.58 37.34
C12 HXD F . -2.16 19.72 38.63
C9 HXD F . -2.38 16.73 38.60
C8 HXD F . -3.73 17.02 39.24
C7 HXD F . -4.00 15.98 40.32
C6 HXD F . -2.68 15.63 41.01
C5 HXD F . -2.62 14.13 41.25
C4 HXD F . -2.74 13.82 42.73
C3 HXD F . -3.02 12.33 42.89
O8 HXD F . -2.89 11.71 41.64
C2 HXD F . -2.01 11.71 43.85
C1 HXD F . -2.15 12.32 45.25
O1 HXD F . -2.53 11.59 46.20
O HXD F . -1.90 13.53 45.45
#